data_3G02
#
_entry.id   3G02
#
_cell.length_a   61.866
_cell.length_b   89.675
_cell.length_c   75.344
_cell.angle_alpha   90.000
_cell.angle_beta   104.790
_cell.angle_gamma   90.000
#
_symmetry.space_group_name_H-M   'P 1 21 1'
#
loop_
_entity.id
_entity.type
_entity.pdbx_description
1 polymer 'Epoxide hydrolase'
2 non-polymer 'FORMIC ACID'
3 water water
#
_entity_poly.entity_id   1
_entity_poly.type   'polypeptide(L)'
_entity_poly.pdbx_seq_one_letter_code
;MNHKAFAKFPSSASISPNPFTVSIPDEQLDDLKTLVRLSKIAPPTYESLQADGRFGITSEWLTTMREKWLSEFDWRPFEA
RLNSFPQFTTEIEGLTIHFAALFSEREDAVPIALLHGWPGSFVEFYPILQLFREEYTPETLPFHLVVPSLPGYTFSSGPP
LDKDFGLMDNARVVDQLMKDLGFGSGYIIQGGDIGSFVGRLLGVGFDACKAVHLNFCNMSAPPEGPSIESLSAAEKEGIA
RMEKFMTDGYAYAMEHSTRPSTIGHVLSSSPIALLAWIGEKYLQWVDKPLPSETILEMVSLYWLTESFPRAIHTYREWVP
TASAPNGATPYQKELYIHKPFGFSFFPKDLVPVPRSWIATTGNLVFFRDHAEGGHFAALERPRELKTDLTAFVEQVWQKG
RSHHHHHH
;
_entity_poly.pdbx_strand_id   A,B
#
# COMPACT_ATOMS: atom_id res chain seq x y z
N LYS A 4 -31.73 -12.43 26.27
CA LYS A 4 -33.19 -12.70 26.12
C LYS A 4 -33.93 -11.48 25.58
N ALA A 5 -33.78 -10.35 26.27
CA ALA A 5 -34.42 -9.10 25.85
C ALA A 5 -33.90 -8.64 24.49
N PHE A 6 -34.85 -8.24 23.62
CA PHE A 6 -34.57 -7.73 22.27
C PHE A 6 -34.08 -8.81 21.29
N ALA A 7 -34.09 -10.07 21.72
CA ALA A 7 -33.52 -11.16 20.93
C ALA A 7 -34.57 -12.02 20.22
N LYS A 8 -35.84 -11.68 20.39
CA LYS A 8 -36.93 -12.41 19.74
C LYS A 8 -37.10 -11.96 18.30
N PHE A 9 -36.95 -12.90 17.37
CA PHE A 9 -37.16 -12.61 15.95
C PHE A 9 -38.58 -12.12 15.70
N PRO A 10 -38.77 -11.24 14.70
CA PRO A 10 -40.12 -10.80 14.33
C PRO A 10 -40.99 -11.99 13.92
N SER A 11 -42.29 -11.88 14.13
CA SER A 11 -43.23 -12.96 13.82
C SER A 11 -43.22 -13.33 12.33
N SER A 12 -42.90 -12.34 11.49
CA SER A 12 -42.87 -12.53 10.04
C SER A 12 -41.56 -13.13 9.52
N ALA A 13 -40.58 -13.31 10.41
CA ALA A 13 -39.30 -13.91 10.04
C ALA A 13 -39.48 -15.35 9.56
N SER A 14 -38.82 -15.68 8.46
CA SER A 14 -38.89 -17.03 7.91
C SER A 14 -37.77 -17.92 8.44
N ILE A 15 -36.63 -17.32 8.78
CA ILE A 15 -35.47 -18.07 9.27
C ILE A 15 -35.50 -18.33 10.78
N SER A 16 -34.71 -19.31 11.20
CA SER A 16 -34.60 -19.70 12.59
C SER A 16 -33.52 -18.89 13.30
N PRO A 17 -33.78 -18.46 14.55
CA PRO A 17 -32.73 -17.79 15.32
C PRO A 17 -31.61 -18.74 15.70
N ASN A 18 -30.39 -18.42 15.28
CA ASN A 18 -29.20 -19.16 15.69
C ASN A 18 -28.30 -18.22 16.49
N PRO A 19 -28.49 -18.17 17.82
CA PRO A 19 -27.74 -17.25 18.67
C PRO A 19 -26.25 -17.48 18.54
N PHE A 20 -25.49 -16.39 18.44
CA PHE A 20 -24.06 -16.45 18.26
C PHE A 20 -23.37 -15.85 19.48
N THR A 21 -22.31 -16.51 19.92
CA THR A 21 -21.49 -16.05 21.04
C THR A 21 -20.03 -16.02 20.60
N VAL A 22 -19.40 -14.87 20.79
CA VAL A 22 -17.97 -14.75 20.52
C VAL A 22 -17.20 -15.48 21.63
N SER A 23 -16.39 -16.46 21.24
CA SER A 23 -15.63 -17.27 22.17
C SER A 23 -14.30 -17.67 21.53
N ILE A 24 -13.38 -16.72 21.50
CA ILE A 24 -12.06 -16.94 20.92
C ILE A 24 -11.26 -17.87 21.84
N PRO A 25 -10.79 -19.01 21.30
CA PRO A 25 -9.99 -19.94 22.10
C PRO A 25 -8.76 -19.29 22.70
N ASP A 26 -8.41 -19.70 23.93
CA ASP A 26 -7.22 -19.19 24.61
C ASP A 26 -5.96 -19.34 23.76
N GLU A 27 -5.85 -20.47 23.06
CA GLU A 27 -4.71 -20.75 22.19
C GLU A 27 -4.52 -19.68 21.11
N GLN A 28 -5.64 -19.14 20.60
CA GLN A 28 -5.60 -18.10 19.57
C GLN A 28 -5.15 -16.76 20.15
N LEU A 29 -5.58 -16.48 21.39
CA LEU A 29 -5.14 -15.27 22.09
C LEU A 29 -3.67 -15.36 22.45
N ASP A 30 -3.23 -16.54 22.87
CA ASP A 30 -1.82 -16.81 23.12
C ASP A 30 -0.99 -16.63 21.86
N ASP A 31 -1.50 -17.14 20.75
CA ASP A 31 -0.84 -17.03 19.45
C ASP A 31 -0.67 -15.57 19.07
N LEU A 32 -1.74 -14.78 19.26
CA LEU A 32 -1.67 -13.34 18.99
C LEU A 32 -0.58 -12.65 19.81
N LYS A 33 -0.52 -12.91 21.11
N LYS A 33 -0.55 -12.93 21.12
CA LYS A 33 0.49 -12.28 21.96
CA LYS A 33 0.46 -12.38 22.03
C LYS A 33 1.91 -12.71 21.61
C LYS A 33 1.87 -12.71 21.57
N THR A 34 2.09 -13.99 21.24
CA THR A 34 3.38 -14.48 20.76
C THR A 34 3.82 -13.73 19.50
N LEU A 35 2.89 -13.54 18.56
CA LEU A 35 3.22 -12.86 17.31
C LEU A 35 3.41 -11.37 17.49
N VAL A 36 2.69 -10.76 18.43
CA VAL A 36 2.94 -9.36 18.79
C VAL A 36 4.37 -9.21 19.35
N ARG A 37 4.75 -10.11 20.25
CA ARG A 37 6.08 -10.11 20.84
C ARG A 37 7.18 -10.34 19.78
N LEU A 38 6.96 -11.28 18.88
CA LEU A 38 7.95 -11.65 17.87
C LEU A 38 8.13 -10.59 16.78
N SER A 39 7.08 -9.81 16.53
N SER A 39 7.08 -9.81 16.53
CA SER A 39 7.07 -8.77 15.51
CA SER A 39 7.10 -8.77 15.51
C SER A 39 8.13 -7.70 15.73
C SER A 39 8.21 -7.76 15.74
N LYS A 40 8.79 -7.29 14.66
N LYS A 40 8.80 -7.27 14.65
CA LYS A 40 9.76 -6.22 14.72
CA LYS A 40 9.79 -6.21 14.73
C LYS A 40 9.11 -4.89 14.37
C LYS A 40 9.14 -4.89 14.31
N ILE A 41 9.80 -3.79 14.67
CA ILE A 41 9.40 -2.49 14.16
C ILE A 41 10.55 -1.95 13.33
N ALA A 42 10.24 -1.05 12.42
CA ALA A 42 11.24 -0.43 11.57
C ALA A 42 12.31 0.28 12.40
N PRO A 43 13.53 0.41 11.86
CA PRO A 43 14.46 1.31 12.50
C PRO A 43 13.90 2.74 12.38
N PRO A 44 14.26 3.62 13.32
CA PRO A 44 13.76 4.99 13.19
C PRO A 44 14.21 5.62 11.88
N THR A 45 13.32 6.42 11.30
CA THR A 45 13.62 7.16 10.08
C THR A 45 13.12 8.58 10.27
N TYR A 46 13.60 9.49 9.41
CA TYR A 46 13.09 10.85 9.39
C TYR A 46 11.56 10.84 9.40
N GLU A 47 10.97 10.01 8.53
CA GLU A 47 9.52 9.97 8.38
C GLU A 47 8.80 9.53 9.64
N SER A 48 9.36 8.52 10.31
CA SER A 48 8.71 7.95 11.50
C SER A 48 8.93 8.79 12.75
N LEU A 49 9.77 9.81 12.63
CA LEU A 49 10.04 10.72 13.75
C LEU A 49 9.30 12.04 13.62
N GLN A 50 8.42 12.14 12.62
CA GLN A 50 7.60 13.34 12.43
C GLN A 50 6.40 13.31 13.36
N ALA A 51 6.38 14.25 14.31
CA ALA A 51 5.32 14.32 15.33
C ALA A 51 3.92 14.50 14.72
N ASP A 52 3.84 15.21 13.59
CA ASP A 52 2.56 15.45 12.95
C ASP A 52 1.99 14.23 12.20
N GLY A 53 2.82 13.19 12.09
CA GLY A 53 2.41 11.94 11.45
C GLY A 53 2.02 12.05 10.00
N ARG A 54 2.55 13.05 9.29
CA ARG A 54 2.18 13.28 7.90
C ARG A 54 2.61 12.16 6.95
N PHE A 55 3.58 11.35 7.39
CA PHE A 55 4.02 10.19 6.62
C PHE A 55 3.44 8.88 7.14
N GLY A 56 2.47 8.97 8.06
CA GLY A 56 1.84 7.80 8.64
C GLY A 56 2.26 7.62 10.08
N ILE A 57 2.07 6.42 10.62
CA ILE A 57 2.26 6.17 12.05
C ILE A 57 3.70 6.42 12.48
N THR A 58 3.85 6.99 13.66
CA THR A 58 5.19 7.30 14.18
C THR A 58 5.79 6.08 14.88
N SER A 59 7.11 6.09 15.00
CA SER A 59 7.82 5.06 15.76
C SER A 59 7.34 5.03 17.22
N GLU A 60 7.18 6.20 17.82
CA GLU A 60 6.73 6.31 19.20
C GLU A 60 5.38 5.63 19.40
N TRP A 61 4.42 5.95 18.52
CA TRP A 61 3.08 5.39 18.64
C TRP A 61 3.11 3.87 18.49
N LEU A 62 3.77 3.37 17.46
CA LEU A 62 3.79 1.93 17.24
C LEU A 62 4.47 1.16 18.38
N THR A 63 5.60 1.69 18.86
N THR A 63 5.59 1.68 18.88
CA THR A 63 6.33 1.11 19.98
CA THR A 63 6.28 1.02 19.99
C THR A 63 5.43 1.03 21.23
C THR A 63 5.43 1.02 21.25
N THR A 64 4.81 2.15 21.55
CA THR A 64 3.93 2.27 22.72
C THR A 64 2.71 1.36 22.61
N MET A 65 2.11 1.30 21.41
CA MET A 65 0.96 0.45 21.20
C MET A 65 1.30 -1.04 21.27
N ARG A 66 2.47 -1.41 20.76
CA ARG A 66 2.96 -2.79 20.85
C ARG A 66 3.12 -3.20 22.32
N GLU A 67 3.70 -2.31 23.11
CA GLU A 67 3.87 -2.56 24.55
C GLU A 67 2.53 -2.69 25.27
N LYS A 68 1.61 -1.79 24.95
CA LYS A 68 0.25 -1.84 25.49
C LYS A 68 -0.46 -3.15 25.13
N TRP A 69 -0.31 -3.56 23.87
CA TRP A 69 -0.93 -4.79 23.39
C TRP A 69 -0.41 -6.02 24.15
N LEU A 70 0.87 -5.98 24.49
CA LEU A 70 1.50 -7.09 25.21
C LEU A 70 1.20 -7.12 26.71
N SER A 71 1.25 -5.95 27.35
N SER A 71 1.29 -5.97 27.37
CA SER A 71 1.27 -5.85 28.82
CA SER A 71 1.22 -5.92 28.83
C SER A 71 -0.01 -5.33 29.47
C SER A 71 -0.18 -5.58 29.36
N GLU A 72 -0.88 -4.70 28.66
CA GLU A 72 -2.13 -4.13 29.18
C GLU A 72 -3.41 -4.73 28.60
N PHE A 73 -3.38 -5.06 27.31
CA PHE A 73 -4.59 -5.47 26.59
C PHE A 73 -5.15 -6.83 27.04
N ASP A 74 -6.46 -6.87 27.27
CA ASP A 74 -7.16 -8.10 27.57
C ASP A 74 -8.38 -8.21 26.66
N TRP A 75 -8.41 -9.26 25.84
CA TRP A 75 -9.50 -9.51 24.92
C TRP A 75 -10.84 -9.79 25.63
N ARG A 76 -10.78 -10.47 26.78
CA ARG A 76 -12.00 -10.99 27.41
C ARG A 76 -13.08 -9.96 27.79
N PRO A 77 -12.70 -8.84 28.44
CA PRO A 77 -13.71 -7.80 28.69
C PRO A 77 -14.37 -7.25 27.42
N PHE A 78 -13.59 -7.07 26.35
CA PHE A 78 -14.13 -6.64 25.07
C PHE A 78 -15.07 -7.70 24.50
N GLU A 79 -14.66 -8.97 24.55
CA GLU A 79 -15.49 -10.08 24.12
C GLU A 79 -16.81 -10.12 24.89
N ALA A 80 -16.75 -9.87 26.19
CA ALA A 80 -17.96 -9.81 27.01
C ALA A 80 -18.88 -8.69 26.55
N ARG A 81 -18.31 -7.55 26.18
CA ARG A 81 -19.08 -6.44 25.63
C ARG A 81 -19.73 -6.83 24.30
N LEU A 82 -18.98 -7.52 23.44
CA LEU A 82 -19.55 -8.04 22.20
C LEU A 82 -20.79 -8.89 22.47
N ASN A 83 -20.67 -9.76 23.46
CA ASN A 83 -21.73 -10.71 23.81
C ASN A 83 -22.86 -10.12 24.64
N SER A 84 -22.78 -8.82 24.93
CA SER A 84 -23.81 -8.13 25.70
C SER A 84 -25.05 -7.78 24.89
N PHE A 85 -24.95 -7.88 23.56
CA PHE A 85 -26.09 -7.64 22.67
C PHE A 85 -26.45 -8.91 21.93
N PRO A 86 -27.71 -9.04 21.50
CA PRO A 86 -28.09 -10.22 20.71
C PRO A 86 -27.28 -10.30 19.42
N GLN A 87 -26.69 -11.47 19.19
CA GLN A 87 -26.00 -11.77 17.92
C GLN A 87 -26.53 -13.09 17.37
N PHE A 88 -26.54 -13.19 16.05
CA PHE A 88 -26.99 -14.40 15.36
C PHE A 88 -26.17 -14.64 14.12
N THR A 89 -26.26 -15.85 13.58
CA THR A 89 -25.80 -16.11 12.21
C THR A 89 -26.93 -16.74 11.42
N THR A 90 -26.92 -16.48 10.12
CA THR A 90 -27.79 -17.18 9.20
C THR A 90 -27.00 -17.43 7.93
N GLU A 91 -27.42 -18.44 7.17
CA GLU A 91 -26.74 -18.75 5.91
C GLU A 91 -27.47 -18.15 4.73
N ILE A 92 -26.72 -17.39 3.93
CA ILE A 92 -27.25 -16.76 2.74
C ILE A 92 -26.28 -17.06 1.60
N GLU A 93 -26.78 -17.72 0.56
CA GLU A 93 -25.97 -18.12 -0.60
C GLU A 93 -24.70 -18.89 -0.21
N GLY A 94 -24.81 -19.71 0.82
CA GLY A 94 -23.68 -20.52 1.29
C GLY A 94 -22.70 -19.76 2.17
N LEU A 95 -22.97 -18.48 2.40
CA LEU A 95 -22.14 -17.67 3.29
C LEU A 95 -22.76 -17.60 4.67
N THR A 96 -21.94 -17.70 5.70
CA THR A 96 -22.39 -17.46 7.07
C THR A 96 -22.44 -15.95 7.27
N ILE A 97 -23.64 -15.42 7.48
CA ILE A 97 -23.80 -13.98 7.72
C ILE A 97 -24.12 -13.74 9.19
N HIS A 98 -23.16 -13.13 9.87
CA HIS A 98 -23.30 -12.72 11.25
C HIS A 98 -24.04 -11.38 11.33
N PHE A 99 -24.84 -11.20 12.37
CA PHE A 99 -25.44 -9.90 12.64
C PHE A 99 -25.74 -9.71 14.12
N ALA A 100 -25.63 -8.47 14.57
CA ALA A 100 -26.12 -8.06 15.88
C ALA A 100 -27.47 -7.41 15.64
N ALA A 101 -28.34 -7.43 16.66
CA ALA A 101 -29.67 -6.85 16.50
C ALA A 101 -30.31 -6.46 17.80
N LEU A 102 -31.15 -5.43 17.73
CA LEU A 102 -32.17 -5.20 18.75
C LEU A 102 -33.50 -5.31 18.03
N PHE A 103 -34.25 -6.36 18.36
CA PHE A 103 -35.58 -6.55 17.79
C PHE A 103 -36.66 -6.03 18.73
N SER A 104 -37.57 -5.26 18.17
CA SER A 104 -38.74 -4.79 18.90
C SER A 104 -39.77 -5.90 19.00
N GLU A 105 -40.62 -5.82 20.03
CA GLU A 105 -41.77 -6.72 20.16
C GLU A 105 -43.00 -6.07 19.52
N ARG A 106 -42.85 -4.83 19.05
CA ARG A 106 -43.92 -4.11 18.38
C ARG A 106 -44.11 -4.59 16.95
N GLU A 107 -45.37 -4.76 16.55
CA GLU A 107 -45.68 -5.17 15.17
C GLU A 107 -45.53 -4.02 14.18
N ASP A 108 -45.59 -2.78 14.66
CA ASP A 108 -45.45 -1.60 13.81
C ASP A 108 -44.02 -1.06 13.73
N ALA A 109 -43.06 -1.80 14.29
CA ALA A 109 -41.66 -1.37 14.36
C ALA A 109 -41.03 -1.23 12.99
N VAL A 110 -40.31 -0.14 12.78
CA VAL A 110 -39.65 0.14 11.51
C VAL A 110 -38.35 -0.66 11.41
N PRO A 111 -38.23 -1.53 10.38
CA PRO A 111 -36.98 -2.28 10.19
C PRO A 111 -35.87 -1.41 9.61
N ILE A 112 -34.72 -1.38 10.28
CA ILE A 112 -33.56 -0.64 9.81
C ILE A 112 -32.34 -1.56 9.83
N ALA A 113 -31.59 -1.58 8.74
CA ALA A 113 -30.26 -2.20 8.74
C ALA A 113 -29.22 -1.10 8.67
N LEU A 114 -28.22 -1.20 9.54
CA LEU A 114 -27.15 -0.21 9.62
C LEU A 114 -25.86 -0.87 9.14
N LEU A 115 -25.22 -0.22 8.16
CA LEU A 115 -24.14 -0.85 7.40
C LEU A 115 -22.79 -0.19 7.61
N HIS A 116 -21.85 -0.99 8.09
CA HIS A 116 -20.47 -0.56 8.31
C HIS A 116 -19.66 -0.57 7.01
N GLY A 117 -18.41 -0.13 7.10
CA GLY A 117 -17.46 -0.23 6.00
C GLY A 117 -16.11 -0.71 6.51
N TRP A 118 -15.05 -0.27 5.85
CA TRP A 118 -13.69 -0.67 6.20
C TRP A 118 -12.96 0.54 6.76
N PRO A 119 -12.16 0.37 7.85
CA PRO A 119 -11.83 -0.84 8.59
C PRO A 119 -12.74 -1.06 9.78
N GLY A 120 -14.02 -0.80 9.59
CA GLY A 120 -15.00 -0.98 10.64
C GLY A 120 -15.63 -2.35 10.71
N SER A 121 -16.75 -2.43 11.42
CA SER A 121 -17.45 -3.68 11.65
C SER A 121 -18.76 -3.40 12.36
N PHE A 122 -19.52 -4.45 12.64
CA PHE A 122 -20.77 -4.35 13.37
C PHE A 122 -20.63 -3.64 14.73
N VAL A 123 -19.45 -3.76 15.31
N VAL A 123 -19.47 -3.77 15.36
CA VAL A 123 -19.14 -3.22 16.63
CA VAL A 123 -19.30 -3.25 16.71
C VAL A 123 -19.27 -1.69 16.66
C VAL A 123 -19.23 -1.71 16.72
N GLU A 124 -18.98 -1.06 15.52
N GLU A 124 -19.01 -1.11 15.55
CA GLU A 124 -19.10 0.39 15.43
CA GLU A 124 -19.09 0.34 15.44
C GLU A 124 -20.47 0.92 15.83
C GLU A 124 -20.44 0.85 15.97
N PHE A 125 -21.49 0.09 15.71
CA PHE A 125 -22.85 0.50 16.04
C PHE A 125 -23.28 0.18 17.46
N TYR A 126 -22.39 -0.43 18.24
CA TYR A 126 -22.69 -0.78 19.62
C TYR A 126 -23.06 0.42 20.51
N PRO A 127 -22.28 1.53 20.44
CA PRO A 127 -22.72 2.71 21.19
C PRO A 127 -24.16 3.15 20.88
N ILE A 128 -24.56 3.11 19.61
CA ILE A 128 -25.92 3.45 19.22
C ILE A 128 -26.94 2.42 19.74
N LEU A 129 -26.62 1.13 19.61
CA LEU A 129 -27.48 0.08 20.16
C LEU A 129 -27.68 0.26 21.67
N GLN A 130 -26.60 0.63 22.37
CA GLN A 130 -26.67 0.86 23.81
C GLN A 130 -27.64 2.00 24.15
N LEU A 131 -27.55 3.09 23.40
CA LEU A 131 -28.45 4.22 23.60
C LEU A 131 -29.90 3.78 23.44
N PHE A 132 -30.19 3.01 22.39
CA PHE A 132 -31.54 2.51 22.18
C PHE A 132 -32.03 1.61 23.31
N ARG A 133 -31.18 0.68 23.76
CA ARG A 133 -31.53 -0.25 24.84
C ARG A 133 -31.75 0.47 26.17
N GLU A 134 -31.02 1.57 26.38
CA GLU A 134 -31.17 2.39 27.58
C GLU A 134 -32.47 3.18 27.61
N GLU A 135 -33.00 3.45 26.41
CA GLU A 135 -34.09 4.42 26.22
C GLU A 135 -35.44 3.78 25.89
N TYR A 136 -35.42 2.47 25.66
CA TYR A 136 -36.61 1.72 25.30
C TYR A 136 -36.58 0.32 25.91
N THR A 137 -37.76 -0.30 26.00
CA THR A 137 -37.85 -1.73 26.27
C THR A 137 -38.24 -2.41 24.95
N PRO A 138 -38.18 -3.75 24.90
CA PRO A 138 -38.65 -4.41 23.66
C PRO A 138 -40.10 -4.04 23.30
N GLU A 139 -40.89 -3.74 24.32
CA GLU A 139 -42.29 -3.33 24.13
C GLU A 139 -42.44 -1.94 23.53
N THR A 140 -41.46 -1.06 23.77
CA THR A 140 -41.56 0.33 23.32
C THR A 140 -40.64 0.74 22.17
N LEU A 141 -39.62 -0.09 21.90
N LEU A 141 -39.62 -0.09 21.90
CA LEU A 141 -38.66 0.18 20.83
CA LEU A 141 -38.65 0.16 20.82
C LEU A 141 -39.38 0.39 19.49
C LEU A 141 -39.39 0.39 19.49
N PRO A 142 -39.21 1.58 18.89
CA PRO A 142 -39.93 1.91 17.65
C PRO A 142 -39.35 1.28 16.39
N PHE A 143 -38.12 0.79 16.47
CA PHE A 143 -37.44 0.24 15.30
C PHE A 143 -36.94 -1.17 15.56
N HIS A 144 -36.75 -1.93 14.49
CA HIS A 144 -35.89 -3.11 14.54
C HIS A 144 -34.53 -2.62 14.06
N LEU A 145 -33.49 -2.91 14.83
CA LEU A 145 -32.15 -2.46 14.48
C LEU A 145 -31.27 -3.67 14.18
N VAL A 146 -30.98 -3.85 12.89
CA VAL A 146 -30.16 -4.97 12.42
C VAL A 146 -28.81 -4.45 11.96
N VAL A 147 -27.75 -5.03 12.52
CA VAL A 147 -26.38 -4.60 12.24
C VAL A 147 -25.60 -5.80 11.68
N PRO A 148 -25.63 -5.97 10.35
CA PRO A 148 -24.96 -7.12 9.77
C PRO A 148 -23.44 -6.95 9.65
N SER A 149 -22.73 -8.07 9.72
CA SER A 149 -21.34 -8.09 9.29
C SER A 149 -21.37 -8.38 7.80
N LEU A 150 -20.87 -7.44 7.02
CA LEU A 150 -20.86 -7.62 5.57
C LEU A 150 -19.99 -8.81 5.21
N PRO A 151 -20.29 -9.49 4.09
CA PRO A 151 -19.44 -10.57 3.62
C PRO A 151 -17.96 -10.21 3.71
N GLY A 152 -17.16 -11.12 4.29
CA GLY A 152 -15.73 -10.92 4.43
C GLY A 152 -15.27 -10.25 5.71
N TYR A 153 -16.20 -9.79 6.55
CA TYR A 153 -15.82 -9.11 7.79
C TYR A 153 -16.16 -9.90 9.04
N THR A 154 -15.22 -9.91 9.98
CA THR A 154 -15.37 -10.51 11.31
C THR A 154 -16.03 -11.89 11.27
N PHE A 155 -17.21 -12.03 11.86
CA PHE A 155 -17.83 -13.34 12.03
C PHE A 155 -18.69 -13.78 10.84
N SER A 156 -18.76 -12.94 9.82
CA SER A 156 -19.31 -13.36 8.52
C SER A 156 -18.21 -14.04 7.71
N SER A 157 -18.58 -15.11 7.01
CA SER A 157 -17.63 -15.82 6.16
C SER A 157 -17.57 -15.15 4.80
N GLY A 158 -16.89 -15.80 3.86
CA GLY A 158 -16.82 -15.27 2.51
C GLY A 158 -15.77 -14.18 2.33
N PRO A 159 -15.74 -13.58 1.13
CA PRO A 159 -16.60 -13.93 0.00
C PRO A 159 -16.14 -15.27 -0.62
N PRO A 160 -16.88 -15.78 -1.61
CA PRO A 160 -16.54 -17.09 -2.19
C PRO A 160 -15.10 -17.19 -2.70
N LEU A 161 -14.59 -18.42 -2.75
CA LEU A 161 -13.25 -18.69 -3.28
C LEU A 161 -13.27 -18.88 -4.79
N ASP A 162 -14.42 -19.26 -5.33
CA ASP A 162 -14.51 -19.76 -6.71
C ASP A 162 -15.13 -18.79 -7.72
N LYS A 163 -15.51 -17.60 -7.26
CA LYS A 163 -16.09 -16.58 -8.12
C LYS A 163 -15.84 -15.18 -7.55
N ASP A 164 -15.86 -14.19 -8.43
CA ASP A 164 -15.74 -12.79 -8.03
C ASP A 164 -16.97 -12.38 -7.24
N PHE A 165 -16.83 -11.34 -6.42
CA PHE A 165 -17.89 -10.87 -5.54
C PHE A 165 -17.73 -9.36 -5.44
N GLY A 166 -18.81 -8.62 -5.65
CA GLY A 166 -18.74 -7.17 -5.70
C GLY A 166 -19.79 -6.48 -4.85
N LEU A 167 -19.98 -5.19 -5.11
CA LEU A 167 -20.88 -4.36 -4.33
C LEU A 167 -22.35 -4.78 -4.47
N MET A 168 -22.76 -5.14 -5.67
CA MET A 168 -24.13 -5.61 -5.90
C MET A 168 -24.42 -6.91 -5.15
N ASP A 169 -23.42 -7.79 -5.12
CA ASP A 169 -23.52 -9.05 -4.38
C ASP A 169 -23.72 -8.79 -2.88
N ASN A 170 -22.98 -7.82 -2.35
CA ASN A 170 -23.15 -7.39 -0.97
C ASN A 170 -24.56 -6.89 -0.71
N ALA A 171 -25.07 -6.05 -1.61
CA ALA A 171 -26.42 -5.52 -1.52
C ALA A 171 -27.46 -6.63 -1.52
N ARG A 172 -27.30 -7.60 -2.43
CA ARG A 172 -28.22 -8.71 -2.52
C ARG A 172 -28.25 -9.53 -1.21
N VAL A 173 -27.09 -9.71 -0.59
CA VAL A 173 -27.00 -10.40 0.70
C VAL A 173 -27.74 -9.64 1.81
N VAL A 174 -27.55 -8.32 1.88
CA VAL A 174 -28.22 -7.50 2.90
C VAL A 174 -29.73 -7.54 2.71
N ASP A 175 -30.18 -7.37 1.46
CA ASP A 175 -31.60 -7.43 1.14
C ASP A 175 -32.21 -8.78 1.53
N GLN A 176 -31.48 -9.87 1.23
CA GLN A 176 -31.94 -11.21 1.58
C GLN A 176 -32.05 -11.39 3.09
N LEU A 177 -31.06 -10.87 3.82
CA LEU A 177 -31.10 -10.93 5.28
C LEU A 177 -32.34 -10.26 5.83
N MET A 178 -32.63 -9.05 5.33
CA MET A 178 -33.80 -8.31 5.80
C MET A 178 -35.10 -9.03 5.46
N LYS A 179 -35.16 -9.63 4.27
CA LYS A 179 -36.33 -10.43 3.89
C LYS A 179 -36.49 -11.65 4.78
N ASP A 180 -35.38 -12.35 5.03
CA ASP A 180 -35.36 -13.52 5.92
C ASP A 180 -35.85 -13.21 7.33
N LEU A 181 -35.55 -11.99 7.80
CA LEU A 181 -35.95 -11.56 9.14
C LEU A 181 -37.39 -11.05 9.18
N GLY A 182 -38.04 -11.05 8.01
CA GLY A 182 -39.46 -10.71 7.89
C GLY A 182 -39.77 -9.32 7.38
N PHE A 183 -38.80 -8.68 6.75
CA PHE A 183 -38.96 -7.28 6.36
C PHE A 183 -39.13 -7.05 4.86
N GLY A 184 -39.64 -8.08 4.16
CA GLY A 184 -39.95 -7.97 2.74
C GLY A 184 -40.90 -6.85 2.37
N SER A 185 -41.78 -6.48 3.30
CA SER A 185 -42.74 -5.39 3.10
C SER A 185 -42.10 -4.00 3.16
N GLY A 186 -40.87 -3.92 3.68
CA GLY A 186 -40.15 -2.65 3.68
C GLY A 186 -39.14 -2.51 4.79
N TYR A 187 -38.00 -1.92 4.46
CA TYR A 187 -36.97 -1.58 5.45
C TYR A 187 -36.24 -0.32 5.03
N ILE A 188 -35.53 0.28 5.99
CA ILE A 188 -34.70 1.45 5.75
C ILE A 188 -33.23 1.04 5.93
N ILE A 189 -32.36 1.68 5.14
CA ILE A 189 -30.91 1.48 5.27
C ILE A 189 -30.25 2.73 5.82
N GLN A 190 -29.40 2.54 6.82
CA GLN A 190 -28.46 3.57 7.27
C GLN A 190 -27.09 3.06 6.87
N GLY A 191 -26.31 3.90 6.21
CA GLY A 191 -24.98 3.49 5.75
C GLY A 191 -23.91 4.56 5.84
N GLY A 192 -22.68 4.10 6.06
CA GLY A 192 -21.49 4.94 5.97
C GLY A 192 -20.42 4.16 5.23
N ASP A 193 -19.39 4.87 4.76
CA ASP A 193 -18.25 4.25 4.09
C ASP A 193 -18.72 3.33 2.95
N ILE A 194 -18.13 2.15 2.82
CA ILE A 194 -18.53 1.20 1.79
C ILE A 194 -20.02 0.85 1.94
N GLY A 195 -20.48 0.77 3.18
CA GLY A 195 -21.90 0.56 3.46
C GLY A 195 -22.83 1.58 2.82
N SER A 196 -22.34 2.80 2.61
N SER A 196 -22.33 2.79 2.57
CA SER A 196 -23.12 3.83 1.90
CA SER A 196 -23.12 3.83 1.91
C SER A 196 -23.40 3.40 0.47
C SER A 196 -23.33 3.57 0.42
N PHE A 197 -22.36 2.90 -0.21
CA PHE A 197 -22.53 2.48 -1.59
C PHE A 197 -23.43 1.27 -1.69
N VAL A 198 -23.28 0.32 -0.76
CA VAL A 198 -24.22 -0.81 -0.65
C VAL A 198 -25.64 -0.26 -0.43
N GLY A 199 -25.77 0.71 0.48
CA GLY A 199 -27.06 1.38 0.71
C GLY A 199 -27.64 2.07 -0.51
N ARG A 200 -26.78 2.72 -1.29
CA ARG A 200 -27.20 3.36 -2.54
C ARG A 200 -27.79 2.33 -3.50
N LEU A 201 -27.10 1.21 -3.67
CA LEU A 201 -27.56 0.15 -4.56
C LEU A 201 -28.91 -0.43 -4.10
N LEU A 202 -29.06 -0.59 -2.79
CA LEU A 202 -30.34 -1.03 -2.22
C LEU A 202 -31.45 -0.03 -2.52
N GLY A 203 -31.18 1.26 -2.34
CA GLY A 203 -32.14 2.30 -2.67
C GLY A 203 -32.51 2.31 -4.14
N VAL A 204 -31.52 2.10 -5.00
CA VAL A 204 -31.70 2.17 -6.46
C VAL A 204 -32.48 0.98 -7.03
N GLY A 205 -32.15 -0.23 -6.57
CA GLY A 205 -32.59 -1.43 -7.27
C GLY A 205 -33.38 -2.48 -6.51
N PHE A 206 -33.60 -2.25 -5.21
CA PHE A 206 -34.26 -3.25 -4.38
C PHE A 206 -35.57 -2.71 -3.82
N ASP A 207 -36.68 -3.31 -4.25
CA ASP A 207 -38.02 -2.80 -3.94
C ASP A 207 -38.35 -2.74 -2.45
N ALA A 208 -37.81 -3.70 -1.70
CA ALA A 208 -38.05 -3.77 -0.25
C ALA A 208 -37.36 -2.63 0.50
N CYS A 209 -36.29 -2.09 -0.08
CA CYS A 209 -35.64 -0.91 0.51
C CYS A 209 -36.48 0.32 0.20
N LYS A 210 -37.01 0.97 1.23
CA LYS A 210 -37.96 2.07 1.05
C LYS A 210 -37.36 3.47 1.23
N ALA A 211 -36.24 3.55 1.94
CA ALA A 211 -35.55 4.81 2.21
C ALA A 211 -34.10 4.56 2.59
N VAL A 212 -33.26 5.56 2.34
CA VAL A 212 -31.83 5.45 2.62
C VAL A 212 -31.31 6.69 3.35
N HIS A 213 -30.65 6.47 4.48
CA HIS A 213 -29.94 7.54 5.18
C HIS A 213 -28.44 7.22 5.14
N LEU A 214 -27.65 8.20 4.71
CA LEU A 214 -26.19 8.05 4.64
C LEU A 214 -25.46 9.11 5.45
N ASN A 215 -24.28 8.76 5.96
CA ASN A 215 -23.37 9.75 6.54
C ASN A 215 -22.06 9.84 5.76
N PHE A 216 -22.07 9.35 4.53
CA PHE A 216 -20.89 9.32 3.67
C PHE A 216 -21.34 9.23 2.23
N CYS A 217 -20.73 10.03 1.36
CA CYS A 217 -20.96 9.94 -0.08
C CYS A 217 -19.64 10.01 -0.83
N ASN A 218 -19.41 9.00 -1.68
CA ASN A 218 -18.15 8.79 -2.38
C ASN A 218 -18.05 9.50 -3.74
N MET A 219 -19.03 10.33 -4.04
CA MET A 219 -19.12 11.02 -5.35
C MET A 219 -17.96 11.96 -5.63
N SER A 220 -17.70 12.18 -6.92
CA SER A 220 -16.83 13.27 -7.37
C SER A 220 -17.69 14.46 -7.80
N ALA A 221 -17.04 15.53 -8.26
CA ALA A 221 -17.76 16.74 -8.69
C ALA A 221 -18.82 16.44 -9.76
N PRO A 222 -20.05 16.95 -9.56
CA PRO A 222 -21.12 16.74 -10.54
C PRO A 222 -20.89 17.54 -11.83
N PRO A 223 -20.84 16.83 -12.98
CA PRO A 223 -20.52 17.42 -14.29
C PRO A 223 -21.36 18.65 -14.64
N GLU A 224 -22.67 18.58 -14.40
CA GLU A 224 -23.59 19.66 -14.75
C GLU A 224 -23.81 20.66 -13.61
N GLY A 225 -22.84 20.75 -12.71
CA GLY A 225 -22.92 21.67 -11.57
C GLY A 225 -23.70 21.10 -10.40
N PRO A 226 -23.84 21.88 -9.30
CA PRO A 226 -23.26 23.22 -9.10
C PRO A 226 -21.73 23.24 -9.02
N SER A 227 -21.15 24.35 -9.48
CA SER A 227 -19.70 24.49 -9.56
C SER A 227 -19.06 24.71 -8.19
N ILE A 228 -17.75 24.52 -8.12
CA ILE A 228 -16.94 24.85 -6.94
C ILE A 228 -17.11 26.32 -6.56
N GLU A 229 -17.19 27.17 -7.58
CA GLU A 229 -17.35 28.62 -7.38
C GLU A 229 -18.64 28.98 -6.65
N SER A 230 -19.66 28.15 -6.81
CA SER A 230 -20.95 28.39 -6.17
C SER A 230 -20.98 28.00 -4.68
N LEU A 231 -19.94 27.31 -4.24
CA LEU A 231 -19.89 26.78 -2.87
C LEU A 231 -19.45 27.84 -1.88
N SER A 232 -19.95 27.73 -0.64
CA SER A 232 -19.54 28.61 0.44
C SER A 232 -18.07 28.40 0.79
N ALA A 233 -17.48 29.37 1.49
CA ALA A 233 -16.07 29.28 1.92
C ALA A 233 -15.82 27.98 2.71
N ALA A 234 -16.74 27.66 3.62
CA ALA A 234 -16.68 26.43 4.41
C ALA A 234 -16.78 25.19 3.51
N GLU A 235 -17.67 25.23 2.54
CA GLU A 235 -17.86 24.12 1.61
C GLU A 235 -16.62 23.90 0.73
N LYS A 236 -16.00 25.01 0.32
CA LYS A 236 -14.74 24.96 -0.44
C LYS A 236 -13.60 24.33 0.37
N GLU A 237 -13.55 24.62 1.67
CA GLU A 237 -12.59 24.00 2.57
C GLU A 237 -12.79 22.49 2.57
N GLY A 238 -14.06 22.07 2.58
CA GLY A 238 -14.43 20.64 2.53
C GLY A 238 -13.92 19.97 1.27
N ILE A 239 -14.09 20.65 0.13
CA ILE A 239 -13.58 20.15 -1.14
C ILE A 239 -12.05 20.05 -1.12
N ALA A 240 -11.39 21.02 -0.51
CA ALA A 240 -9.93 21.00 -0.35
C ALA A 240 -9.48 19.77 0.44
N ARG A 241 -10.18 19.48 1.54
CA ARG A 241 -9.88 18.28 2.34
C ARG A 241 -10.12 17.01 1.52
N MET A 242 -11.25 16.97 0.81
N MET A 242 -11.14 17.05 0.66
CA MET A 242 -11.62 15.80 -0.01
CA MET A 242 -11.40 16.00 -0.32
C MET A 242 -10.52 15.50 -1.03
C MET A 242 -10.26 15.85 -1.34
N GLU A 243 -10.05 16.57 -1.68
N GLU A 243 -9.80 16.95 -1.94
CA GLU A 243 -9.00 16.50 -2.70
CA GLU A 243 -8.71 16.85 -2.91
C GLU A 243 -7.67 16.00 -2.13
C GLU A 243 -7.46 16.26 -2.26
N LYS A 244 -7.27 16.53 -0.97
CA LYS A 244 -6.10 16.04 -0.25
C LYS A 244 -6.24 14.55 0.09
N PHE A 245 -7.42 14.15 0.55
CA PHE A 245 -7.65 12.74 0.82
C PHE A 245 -7.49 11.88 -0.43
N MET A 246 -8.04 12.35 -1.55
CA MET A 246 -8.00 11.56 -2.78
C MET A 246 -6.61 11.47 -3.41
N THR A 247 -5.69 12.34 -2.99
CA THR A 247 -4.34 12.42 -3.60
C THR A 247 -3.17 12.10 -2.66
N ASP A 248 -3.32 12.44 -1.39
CA ASP A 248 -2.31 12.11 -0.39
C ASP A 248 -2.80 11.00 0.54
N GLY A 249 -4.11 10.82 0.63
CA GLY A 249 -4.68 9.91 1.61
C GLY A 249 -5.24 8.60 1.08
N TYR A 250 -5.05 8.34 -0.21
CA TYR A 250 -5.80 7.28 -0.89
C TYR A 250 -4.97 6.09 -1.33
N ALA A 251 -3.67 6.11 -1.06
CA ALA A 251 -2.81 5.03 -1.53
C ALA A 251 -3.24 3.68 -1.00
N TYR A 252 -3.66 3.61 0.27
CA TYR A 252 -4.10 2.35 0.86
C TYR A 252 -5.22 1.72 0.03
N ALA A 253 -6.15 2.56 -0.43
CA ALA A 253 -7.33 2.13 -1.17
C ALA A 253 -6.92 1.62 -2.55
N MET A 254 -5.97 2.32 -3.16
CA MET A 254 -5.44 1.89 -4.45
C MET A 254 -4.75 0.53 -4.36
N GLU A 255 -4.08 0.28 -3.25
CA GLU A 255 -3.44 -1.02 -3.03
C GLU A 255 -4.50 -2.10 -2.80
N HIS A 256 -5.53 -1.81 -2.01
CA HIS A 256 -6.64 -2.75 -1.82
C HIS A 256 -7.32 -3.10 -3.14
N SER A 257 -7.46 -2.10 -4.00
N SER A 257 -7.44 -2.11 -4.02
CA SER A 257 -8.14 -2.27 -5.28
CA SER A 257 -8.17 -2.28 -5.28
C SER A 257 -7.31 -3.11 -6.25
C SER A 257 -7.36 -2.98 -6.38
N THR A 258 -6.05 -2.70 -6.44
CA THR A 258 -5.20 -3.27 -7.49
C THR A 258 -4.47 -4.55 -7.11
N ARG A 259 -4.09 -4.66 -5.84
CA ARG A 259 -3.31 -5.81 -5.37
C ARG A 259 -3.84 -6.38 -4.05
N PRO A 260 -5.14 -6.74 -4.02
CA PRO A 260 -5.69 -7.25 -2.76
C PRO A 260 -5.00 -8.50 -2.25
N SER A 261 -4.56 -9.38 -3.13
CA SER A 261 -3.88 -10.59 -2.68
C SER A 261 -2.57 -10.29 -1.96
N THR A 262 -1.74 -9.43 -2.55
CA THR A 262 -0.47 -9.05 -1.95
C THR A 262 -0.68 -8.38 -0.58
N ILE A 263 -1.50 -7.34 -0.54
CA ILE A 263 -1.68 -6.63 0.72
C ILE A 263 -2.37 -7.50 1.77
N GLY A 264 -3.28 -8.38 1.34
CA GLY A 264 -3.91 -9.35 2.23
C GLY A 264 -2.87 -10.22 2.90
N HIS A 265 -1.90 -10.72 2.14
CA HIS A 265 -0.83 -11.54 2.71
C HIS A 265 0.10 -10.73 3.61
N VAL A 266 0.45 -9.53 3.16
CA VAL A 266 1.30 -8.62 3.94
C VAL A 266 0.73 -8.37 5.35
N LEU A 267 -0.55 -7.99 5.44
CA LEU A 267 -1.14 -7.66 6.74
C LEU A 267 -1.53 -8.87 7.58
N SER A 268 -1.69 -10.02 6.93
CA SER A 268 -1.94 -11.27 7.64
C SER A 268 -0.69 -11.83 8.30
N SER A 269 0.48 -11.40 7.85
CA SER A 269 1.74 -12.00 8.30
C SER A 269 2.07 -11.70 9.76
N SER A 270 1.70 -10.51 10.22
CA SER A 270 2.04 -10.04 11.56
C SER A 270 0.95 -9.12 12.08
N PRO A 271 0.58 -9.26 13.36
CA PRO A 271 -0.43 -8.37 13.94
C PRO A 271 0.03 -6.91 13.99
N ILE A 272 1.34 -6.70 14.04
CA ILE A 272 1.90 -5.35 14.03
C ILE A 272 1.78 -4.69 12.65
N ALA A 273 1.92 -5.48 11.59
CA ALA A 273 1.64 -5.00 10.24
C ALA A 273 0.19 -4.52 10.14
N LEU A 274 -0.73 -5.34 10.62
CA LEU A 274 -2.14 -4.98 10.60
C LEU A 274 -2.41 -3.72 11.43
N LEU A 275 -1.81 -3.65 12.62
CA LEU A 275 -1.98 -2.49 13.50
C LEU A 275 -1.50 -1.20 12.84
N ALA A 276 -0.35 -1.25 12.18
CA ALA A 276 0.19 -0.06 11.53
C ALA A 276 -0.73 0.43 10.40
N TRP A 277 -1.14 -0.50 9.54
CA TRP A 277 -1.95 -0.15 8.37
C TRP A 277 -3.33 0.38 8.76
N ILE A 278 -4.00 -0.35 9.67
CA ILE A 278 -5.34 0.03 10.09
C ILE A 278 -5.31 1.14 11.14
N GLY A 279 -4.36 1.05 12.07
CA GLY A 279 -4.20 2.06 13.12
C GLY A 279 -3.99 3.45 12.55
N GLU A 280 -3.25 3.55 11.45
CA GLU A 280 -3.06 4.85 10.80
C GLU A 280 -4.40 5.52 10.53
N LYS A 281 -5.37 4.73 10.09
CA LYS A 281 -6.68 5.26 9.73
C LYS A 281 -7.52 5.61 10.96
N TYR A 282 -7.44 4.80 12.00
CA TYR A 282 -8.10 5.17 13.26
C TYR A 282 -7.50 6.43 13.88
N LEU A 283 -6.24 6.73 13.57
CA LEU A 283 -5.62 7.97 14.03
C LEU A 283 -6.00 9.17 13.17
N GLN A 284 -5.95 9.00 11.85
CA GLN A 284 -6.10 10.14 10.93
C GLN A 284 -7.53 10.52 10.60
N TRP A 285 -8.44 9.56 10.71
CA TRP A 285 -9.79 9.74 10.17
C TRP A 285 -10.81 10.29 11.16
N VAL A 286 -10.42 10.36 12.44
CA VAL A 286 -11.32 10.84 13.49
C VAL A 286 -11.13 12.33 13.75
N ASP A 287 -12.12 12.92 14.43
CA ASP A 287 -11.99 14.28 14.94
C ASP A 287 -11.21 14.22 16.24
N LYS A 288 -11.87 13.84 17.33
CA LYS A 288 -11.19 13.64 18.61
C LYS A 288 -10.55 12.25 18.65
N PRO A 289 -9.33 12.14 19.16
CA PRO A 289 -8.65 10.85 19.19
C PRO A 289 -9.44 9.78 19.95
N LEU A 290 -9.43 8.57 19.41
CA LEU A 290 -10.03 7.43 20.09
C LEU A 290 -9.11 6.92 21.20
N PRO A 291 -9.68 6.27 22.22
CA PRO A 291 -8.81 5.62 23.19
C PRO A 291 -7.95 4.55 22.49
N SER A 292 -6.69 4.43 22.91
CA SER A 292 -5.81 3.42 22.35
C SER A 292 -6.41 2.01 22.50
N GLU A 293 -7.10 1.78 23.60
CA GLU A 293 -7.83 0.51 23.84
C GLU A 293 -8.81 0.19 22.71
N THR A 294 -9.52 1.19 22.22
CA THR A 294 -10.47 1.00 21.13
C THR A 294 -9.75 0.53 19.86
N ILE A 295 -8.61 1.14 19.54
CA ILE A 295 -7.84 0.74 18.37
C ILE A 295 -7.35 -0.71 18.51
N LEU A 296 -6.83 -1.08 19.69
CA LEU A 296 -6.39 -2.45 19.92
C LEU A 296 -7.54 -3.46 19.82
N GLU A 297 -8.72 -3.08 20.32
CA GLU A 297 -9.91 -3.93 20.20
C GLU A 297 -10.27 -4.19 18.74
N MET A 298 -10.34 -3.12 17.95
CA MET A 298 -10.75 -3.24 16.55
C MET A 298 -9.75 -4.02 15.72
N VAL A 299 -8.47 -3.75 15.93
CA VAL A 299 -7.42 -4.45 15.22
C VAL A 299 -7.36 -5.93 15.63
N SER A 300 -7.47 -6.20 16.93
CA SER A 300 -7.50 -7.59 17.41
C SER A 300 -8.68 -8.35 16.84
N LEU A 301 -9.85 -7.70 16.78
CA LEU A 301 -11.04 -8.29 16.17
C LEU A 301 -10.79 -8.68 14.72
N TYR A 302 -10.20 -7.76 13.95
CA TYR A 302 -9.83 -8.07 12.56
C TYR A 302 -8.82 -9.21 12.48
N TRP A 303 -7.83 -9.20 13.37
CA TRP A 303 -6.78 -10.22 13.35
C TRP A 303 -7.34 -11.61 13.60
N LEU A 304 -8.14 -11.71 14.66
CA LEU A 304 -8.67 -12.99 15.13
C LEU A 304 -9.71 -13.60 14.21
N THR A 305 -10.23 -12.81 13.28
CA THR A 305 -11.24 -13.28 12.32
C THR A 305 -10.73 -13.29 10.89
N GLU A 306 -9.43 -13.01 10.71
CA GLU A 306 -8.81 -12.92 9.38
C GLU A 306 -9.65 -12.06 8.44
N SER A 307 -10.11 -10.92 8.96
CA SER A 307 -10.99 -10.01 8.22
C SER A 307 -10.30 -9.35 7.04
N PHE A 308 -9.10 -8.84 7.25
CA PHE A 308 -8.52 -7.95 6.24
C PHE A 308 -8.45 -8.54 4.82
N PRO A 309 -7.83 -9.73 4.66
CA PRO A 309 -7.71 -10.24 3.29
C PRO A 309 -9.04 -10.56 2.61
N ARG A 310 -10.09 -10.76 3.41
CA ARG A 310 -11.42 -11.12 2.89
C ARG A 310 -12.31 -9.92 2.64
N ALA A 311 -12.13 -8.87 3.44
CA ALA A 311 -13.02 -7.71 3.43
C ALA A 311 -12.77 -6.77 2.28
N ILE A 312 -11.55 -6.79 1.74
CA ILE A 312 -11.15 -5.77 0.77
C ILE A 312 -11.60 -6.04 -0.67
N HIS A 313 -12.36 -7.13 -0.88
CA HIS A 313 -12.81 -7.51 -2.22
C HIS A 313 -13.56 -6.40 -2.94
N THR A 314 -14.27 -5.57 -2.18
CA THR A 314 -15.09 -4.52 -2.79
C THR A 314 -14.29 -3.38 -3.36
N TYR A 315 -13.04 -3.21 -2.93
CA TYR A 315 -12.27 -2.04 -3.35
C TYR A 315 -12.06 -1.94 -4.85
N ARG A 316 -11.88 -3.07 -5.52
CA ARG A 316 -11.67 -3.04 -6.97
C ARG A 316 -12.89 -2.51 -7.73
N GLU A 317 -14.05 -2.54 -7.09
CA GLU A 317 -15.27 -1.91 -7.64
C GLU A 317 -15.54 -0.53 -7.02
N TRP A 318 -15.19 -0.37 -5.74
CA TRP A 318 -15.54 0.85 -5.00
C TRP A 318 -14.66 2.05 -5.33
N VAL A 319 -13.37 1.80 -5.57
N VAL A 319 -13.36 1.83 -5.58
CA VAL A 319 -12.41 2.85 -5.91
CA VAL A 319 -12.46 2.95 -5.89
C VAL A 319 -12.80 3.60 -7.21
C VAL A 319 -12.76 3.64 -7.25
N PRO A 320 -13.13 2.86 -8.30
CA PRO A 320 -13.62 3.51 -9.53
C PRO A 320 -14.83 4.44 -9.34
N THR A 321 -15.71 4.12 -8.38
CA THR A 321 -16.89 4.94 -8.10
C THR A 321 -16.52 6.24 -7.39
N THR A 329 -21.36 10.25 -15.05
CA THR A 329 -22.40 10.83 -14.20
C THR A 329 -23.35 9.76 -13.59
N PRO A 330 -22.77 8.67 -13.04
CA PRO A 330 -23.60 7.56 -12.53
C PRO A 330 -24.50 7.95 -11.36
N TYR A 331 -24.00 8.80 -10.46
CA TYR A 331 -24.74 9.21 -9.26
C TYR A 331 -25.98 10.05 -9.59
N GLN A 332 -25.92 10.79 -10.69
CA GLN A 332 -27.03 11.65 -11.12
C GLN A 332 -27.99 10.91 -12.05
N LYS A 333 -27.53 9.80 -12.62
CA LYS A 333 -28.31 9.05 -13.59
C LYS A 333 -28.73 7.68 -13.03
N GLU A 334 -28.01 6.63 -13.42
CA GLU A 334 -28.39 5.26 -13.09
C GLU A 334 -28.42 4.93 -11.59
N LEU A 335 -27.57 5.62 -10.81
CA LEU A 335 -27.49 5.35 -9.38
C LEU A 335 -28.13 6.44 -8.50
N TYR A 336 -29.00 7.25 -9.13
CA TYR A 336 -29.80 8.25 -8.41
C TYR A 336 -30.78 7.54 -7.49
N ILE A 337 -30.82 7.97 -6.23
CA ILE A 337 -31.77 7.39 -5.27
C ILE A 337 -33.10 8.16 -5.37
N HIS A 338 -34.10 7.49 -5.95
CA HIS A 338 -35.42 8.12 -6.13
C HIS A 338 -36.29 8.08 -4.88
N LYS A 339 -35.99 7.12 -4.00
CA LYS A 339 -36.67 6.98 -2.72
C LYS A 339 -36.22 8.07 -1.74
N PRO A 340 -36.99 8.30 -0.67
CA PRO A 340 -36.58 9.28 0.35
C PRO A 340 -35.14 9.06 0.79
N PHE A 341 -34.34 10.11 0.69
CA PHE A 341 -32.89 10.05 0.87
C PHE A 341 -32.50 11.10 1.91
N GLY A 342 -31.73 10.67 2.89
CA GLY A 342 -31.29 11.55 3.98
C GLY A 342 -29.78 11.50 4.14
N PHE A 343 -29.22 12.60 4.64
CA PHE A 343 -27.78 12.69 4.82
C PHE A 343 -27.38 13.38 6.12
N SER A 344 -26.39 12.81 6.80
CA SER A 344 -25.76 13.43 7.97
C SER A 344 -24.32 13.78 7.64
N PHE A 345 -24.01 15.06 7.70
CA PHE A 345 -22.71 15.61 7.32
C PHE A 345 -21.86 15.84 8.55
N PHE A 346 -20.69 15.21 8.57
CA PHE A 346 -19.68 15.44 9.60
C PHE A 346 -18.44 16.04 8.94
N PRO A 347 -17.92 17.15 9.51
CA PRO A 347 -16.96 17.99 8.77
C PRO A 347 -15.58 17.37 8.59
N LYS A 348 -15.18 16.48 9.50
CA LYS A 348 -13.86 15.86 9.44
C LYS A 348 -13.92 14.47 8.83
N ASP A 349 -15.00 14.18 8.12
CA ASP A 349 -15.09 12.97 7.31
C ASP A 349 -14.10 13.07 6.15
N LEU A 350 -13.91 11.96 5.43
CA LEU A 350 -12.83 11.84 4.45
C LEU A 350 -13.03 12.70 3.22
N VAL A 351 -14.26 12.74 2.72
CA VAL A 351 -14.55 13.38 1.45
C VAL A 351 -15.81 14.23 1.60
N PRO A 352 -15.69 15.35 2.35
CA PRO A 352 -16.85 16.11 2.79
C PRO A 352 -17.47 16.99 1.70
N VAL A 353 -18.14 16.33 0.75
CA VAL A 353 -18.87 16.99 -0.33
C VAL A 353 -20.09 17.72 0.24
N PRO A 354 -20.46 18.86 -0.36
CA PRO A 354 -21.52 19.70 0.19
C PRO A 354 -22.93 19.21 -0.14
N ARG A 355 -23.92 19.76 0.56
CA ARG A 355 -25.33 19.44 0.35
C ARG A 355 -25.76 19.55 -1.12
N SER A 356 -25.37 20.63 -1.79
CA SER A 356 -25.78 20.88 -3.18
C SER A 356 -25.24 19.84 -4.16
N TRP A 357 -24.16 19.17 -3.79
CA TRP A 357 -23.60 18.09 -4.59
C TRP A 357 -24.34 16.78 -4.29
N ILE A 358 -24.52 16.50 -3.00
CA ILE A 358 -25.24 15.31 -2.55
C ILE A 358 -26.68 15.29 -3.10
N ALA A 359 -27.29 16.47 -3.15
CA ALA A 359 -28.66 16.64 -3.67
C ALA A 359 -28.84 16.19 -5.13
N THR A 360 -27.75 16.20 -5.89
CA THR A 360 -27.80 15.78 -7.31
C THR A 360 -27.86 14.26 -7.45
N THR A 361 -27.66 13.55 -6.35
CA THR A 361 -27.51 12.10 -6.37
C THR A 361 -28.72 11.34 -5.81
N GLY A 362 -29.73 12.08 -5.35
CA GLY A 362 -30.93 11.46 -4.83
C GLY A 362 -32.02 12.43 -4.44
N ASN A 363 -33.17 11.88 -4.08
CA ASN A 363 -34.31 12.65 -3.56
C ASN A 363 -34.01 13.05 -2.12
N LEU A 364 -33.11 14.01 -1.97
CA LEU A 364 -32.61 14.44 -0.66
C LEU A 364 -33.64 15.28 0.07
N VAL A 365 -34.39 14.63 0.96
CA VAL A 365 -35.48 15.28 1.71
C VAL A 365 -35.07 15.61 3.14
N PHE A 366 -33.87 15.19 3.51
CA PHE A 366 -33.40 15.30 4.89
C PHE A 366 -31.89 15.53 4.88
N PHE A 367 -31.45 16.61 5.50
CA PHE A 367 -30.04 16.92 5.62
C PHE A 367 -29.75 17.51 6.98
N ARG A 368 -28.70 17.02 7.63
CA ARG A 368 -28.24 17.57 8.91
C ARG A 368 -26.73 17.77 8.88
N ASP A 369 -26.32 19.00 9.22
N ASP A 369 -26.28 18.97 9.22
CA ASP A 369 -24.92 19.36 9.43
CA ASP A 369 -24.86 19.23 9.35
C ASP A 369 -24.53 19.15 10.88
C ASP A 369 -24.48 19.33 10.83
N HIS A 370 -23.25 18.92 11.13
CA HIS A 370 -22.74 18.90 12.50
C HIS A 370 -21.44 19.66 12.59
N ALA A 371 -21.21 20.26 13.75
CA ALA A 371 -20.05 21.11 13.99
C ALA A 371 -18.77 20.31 14.22
N GLU A 372 -18.92 19.08 14.70
CA GLU A 372 -17.78 18.22 15.00
C GLU A 372 -18.02 16.76 14.64
N GLY A 373 -16.95 15.97 14.68
CA GLY A 373 -17.02 14.56 14.32
C GLY A 373 -16.29 14.26 13.02
N GLY A 374 -15.63 13.11 12.99
CA GLY A 374 -14.91 12.65 11.82
C GLY A 374 -15.60 11.52 11.09
N HIS A 375 -14.79 10.63 10.52
CA HIS A 375 -15.29 9.57 9.65
C HIS A 375 -16.09 8.49 10.36
N PHE A 376 -15.66 8.09 11.55
CA PHE A 376 -16.28 6.99 12.27
C PHE A 376 -17.48 7.52 13.08
N ALA A 377 -18.48 8.03 12.37
CA ALA A 377 -19.60 8.73 12.99
C ALA A 377 -20.31 7.95 14.10
N ALA A 378 -20.57 6.67 13.86
CA ALA A 378 -21.23 5.83 14.86
C ALA A 378 -20.41 5.70 16.15
N LEU A 379 -19.08 5.69 16.02
CA LEU A 379 -18.18 5.63 17.18
C LEU A 379 -17.96 6.99 17.82
N GLU A 380 -17.83 8.02 16.99
CA GLU A 380 -17.41 9.34 17.44
C GLU A 380 -18.58 10.17 17.95
N ARG A 381 -19.69 10.12 17.21
CA ARG A 381 -20.86 10.94 17.49
C ARG A 381 -22.14 10.10 17.49
N PRO A 382 -22.18 9.04 18.33
CA PRO A 382 -23.33 8.15 18.30
C PRO A 382 -24.66 8.83 18.60
N ARG A 383 -24.68 9.77 19.55
CA ARG A 383 -25.92 10.48 19.86
C ARG A 383 -26.46 11.25 18.67
N GLU A 384 -25.56 11.96 17.99
CA GLU A 384 -25.92 12.77 16.84
C GLU A 384 -26.44 11.90 15.68
N LEU A 385 -25.72 10.82 15.39
CA LEU A 385 -26.13 9.94 14.30
C LEU A 385 -27.47 9.26 14.60
N LYS A 386 -27.62 8.78 15.84
CA LYS A 386 -28.88 8.18 16.29
C LYS A 386 -30.04 9.16 16.18
N THR A 387 -29.83 10.38 16.65
CA THR A 387 -30.86 11.41 16.62
C THR A 387 -31.27 11.74 15.18
N ASP A 388 -30.28 11.87 14.29
CA ASP A 388 -30.54 12.13 12.88
C ASP A 388 -31.34 10.99 12.24
N LEU A 389 -30.92 9.75 12.49
CA LEU A 389 -31.60 8.58 11.92
C LEU A 389 -33.05 8.54 12.39
N THR A 390 -33.26 8.74 13.69
CA THR A 390 -34.60 8.71 14.27
C THR A 390 -35.48 9.78 13.63
N ALA A 391 -34.97 11.00 13.51
CA ALA A 391 -35.69 12.10 12.86
C ALA A 391 -36.02 11.79 11.41
N PHE A 392 -35.07 11.16 10.71
CA PHE A 392 -35.25 10.79 9.31
C PHE A 392 -36.38 9.78 9.14
N VAL A 393 -36.39 8.75 9.98
CA VAL A 393 -37.43 7.71 9.93
C VAL A 393 -38.80 8.31 10.23
N GLU A 394 -38.87 9.15 11.27
CA GLU A 394 -40.11 9.83 11.64
C GLU A 394 -40.67 10.66 10.50
N GLN A 395 -39.78 11.30 9.74
CA GLN A 395 -40.18 12.14 8.61
C GLN A 395 -40.71 11.34 7.42
N VAL A 396 -40.05 10.23 7.10
CA VAL A 396 -40.29 9.55 5.81
C VAL A 396 -41.10 8.24 5.83
N TRP A 397 -41.22 7.62 6.99
CA TRP A 397 -41.83 6.27 7.07
C TRP A 397 -43.31 6.29 7.40
N LYS B 4 43.39 -7.56 -3.11
CA LYS B 4 44.04 -7.34 -4.44
C LYS B 4 43.06 -7.54 -5.60
N ALA B 5 43.56 -7.34 -6.82
CA ALA B 5 42.80 -7.49 -8.07
C ALA B 5 41.63 -6.50 -8.20
N PHE B 6 41.86 -5.46 -8.99
CA PHE B 6 40.86 -4.41 -9.29
C PHE B 6 40.46 -3.56 -8.09
N ALA B 7 41.20 -3.68 -6.99
CA ALA B 7 40.82 -3.03 -5.73
C ALA B 7 41.65 -1.79 -5.40
N LYS B 8 42.62 -1.48 -6.26
CA LYS B 8 43.48 -0.32 -6.03
C LYS B 8 42.79 0.99 -6.44
N PHE B 9 42.65 1.89 -5.47
CA PHE B 9 42.09 3.22 -5.70
C PHE B 9 42.94 3.99 -6.71
N PRO B 10 42.30 4.76 -7.60
CA PRO B 10 43.05 5.62 -8.53
C PRO B 10 44.01 6.55 -7.80
N SER B 11 45.13 6.89 -8.45
CA SER B 11 46.14 7.77 -7.86
C SER B 11 45.59 9.15 -7.45
N SER B 12 44.53 9.58 -8.13
CA SER B 12 43.93 10.89 -7.90
C SER B 12 42.90 10.91 -6.76
N ALA B 13 42.61 9.75 -6.17
CA ALA B 13 41.67 9.65 -5.05
C ALA B 13 42.16 10.46 -3.85
N SER B 14 41.22 11.15 -3.19
CA SER B 14 41.53 11.95 -2.00
C SER B 14 41.11 11.25 -0.71
N ILE B 15 40.54 10.05 -0.84
CA ILE B 15 40.14 9.24 0.31
C ILE B 15 40.96 7.96 0.39
N SER B 16 41.08 7.42 1.60
CA SER B 16 41.78 6.16 1.83
C SER B 16 40.82 4.98 1.70
N PRO B 17 41.30 3.85 1.13
CA PRO B 17 40.45 2.66 1.05
C PRO B 17 40.10 2.10 2.42
N ASN B 18 38.80 1.93 2.66
CA ASN B 18 38.31 1.24 3.84
C ASN B 18 37.55 -0.01 3.38
N PRO B 19 38.27 -1.13 3.17
CA PRO B 19 37.66 -2.36 2.65
C PRO B 19 36.50 -2.83 3.51
N PHE B 20 35.44 -3.29 2.85
CA PHE B 20 34.23 -3.73 3.52
C PHE B 20 33.99 -5.21 3.24
N THR B 21 33.57 -5.93 4.28
CA THR B 21 33.20 -7.33 4.16
C THR B 21 31.82 -7.52 4.78
N VAL B 22 30.93 -8.19 4.04
CA VAL B 22 29.63 -8.57 4.56
C VAL B 22 29.82 -9.76 5.51
N SER B 23 29.41 -9.58 6.76
CA SER B 23 29.48 -10.63 7.77
C SER B 23 28.28 -10.56 8.70
N ILE B 24 27.20 -11.21 8.28
CA ILE B 24 25.97 -11.27 9.07
C ILE B 24 26.11 -12.35 10.15
N PRO B 25 25.91 -11.96 11.43
CA PRO B 25 25.99 -12.92 12.54
C PRO B 25 24.98 -14.05 12.41
N ASP B 26 25.36 -15.24 12.87
CA ASP B 26 24.47 -16.40 12.89
C ASP B 26 23.14 -16.11 13.58
N GLU B 27 23.21 -15.33 14.66
CA GLU B 27 22.02 -14.96 15.44
C GLU B 27 20.97 -14.26 14.56
N GLN B 28 21.42 -13.33 13.72
CA GLN B 28 20.56 -12.62 12.78
C GLN B 28 19.91 -13.54 11.75
N LEU B 29 20.66 -14.54 11.29
CA LEU B 29 20.14 -15.53 10.35
C LEU B 29 19.15 -16.47 11.04
N ASP B 30 19.47 -16.85 12.27
CA ASP B 30 18.57 -17.65 13.11
C ASP B 30 17.26 -16.91 13.37
N ASP B 31 17.38 -15.63 13.73
CA ASP B 31 16.20 -14.78 13.95
C ASP B 31 15.33 -14.68 12.70
N LEU B 32 15.96 -14.42 11.55
CA LEU B 32 15.24 -14.37 10.29
C LEU B 32 14.45 -15.66 10.04
N LYS B 33 15.12 -16.81 10.21
CA LYS B 33 14.49 -18.11 9.99
C LYS B 33 13.28 -18.31 10.92
N THR B 34 13.44 -17.96 12.19
CA THR B 34 12.37 -18.05 13.18
C THR B 34 11.17 -17.20 12.78
N LEU B 35 11.43 -16.01 12.27
CA LEU B 35 10.36 -15.10 11.87
C LEU B 35 9.69 -15.52 10.57
N VAL B 36 10.44 -16.14 9.67
CA VAL B 36 9.86 -16.72 8.46
C VAL B 36 8.87 -17.83 8.82
N ARG B 37 9.26 -18.72 9.73
N ARG B 37 9.29 -18.71 9.72
CA ARG B 37 8.41 -19.84 10.10
CA ARG B 37 8.48 -19.85 10.17
C ARG B 37 7.17 -19.40 10.88
C ARG B 37 7.21 -19.41 10.88
N LEU B 38 7.35 -18.51 11.85
CA LEU B 38 6.26 -18.13 12.74
C LEU B 38 5.37 -16.99 12.23
N SER B 39 5.75 -16.39 11.11
CA SER B 39 4.86 -15.45 10.45
C SER B 39 3.63 -16.19 9.95
N LYS B 40 2.50 -15.50 9.92
CA LYS B 40 1.25 -16.13 9.49
C LYS B 40 1.02 -15.98 8.00
N ILE B 41 0.26 -16.91 7.45
N ILE B 41 0.30 -16.94 7.44
CA ILE B 41 -0.11 -16.88 6.05
CA ILE B 41 -0.14 -16.90 6.07
C ILE B 41 -1.61 -16.60 5.97
C ILE B 41 -1.61 -16.51 6.06
N ALA B 42 -1.99 -15.65 5.12
CA ALA B 42 -3.41 -15.30 4.91
C ALA B 42 -4.20 -16.53 4.49
N PRO B 43 -5.46 -16.63 4.92
CA PRO B 43 -6.26 -17.73 4.40
C PRO B 43 -6.43 -17.55 2.90
N PRO B 44 -6.54 -18.65 2.14
CA PRO B 44 -6.81 -18.48 0.71
C PRO B 44 -8.05 -17.64 0.46
N THR B 45 -7.98 -16.81 -0.58
CA THR B 45 -9.12 -16.01 -1.01
C THR B 45 -9.26 -16.15 -2.52
N TYR B 46 -10.41 -15.75 -3.05
CA TYR B 46 -10.60 -15.70 -4.50
C TYR B 46 -9.39 -15.06 -5.18
N GLU B 47 -8.94 -13.92 -4.64
CA GLU B 47 -7.84 -13.18 -5.24
C GLU B 47 -6.51 -13.93 -5.22
N SER B 48 -6.23 -14.61 -4.10
CA SER B 48 -4.96 -15.32 -3.94
C SER B 48 -4.96 -16.67 -4.66
N LEU B 49 -6.11 -17.05 -5.21
CA LEU B 49 -6.22 -18.31 -5.95
C LEU B 49 -6.20 -18.10 -7.46
N GLN B 50 -6.00 -16.86 -7.89
CA GLN B 50 -5.93 -16.54 -9.31
C GLN B 50 -4.54 -16.86 -9.86
N ALA B 51 -4.48 -17.85 -10.75
CA ALA B 51 -3.20 -18.32 -11.31
C ALA B 51 -2.44 -17.24 -12.08
N ASP B 52 -3.16 -16.31 -12.71
CA ASP B 52 -2.53 -15.23 -13.47
C ASP B 52 -1.95 -14.13 -12.57
N GLY B 53 -2.23 -14.22 -11.27
CA GLY B 53 -1.69 -13.29 -10.27
C GLY B 53 -2.06 -11.83 -10.50
N ARG B 54 -3.21 -11.60 -11.13
CA ARG B 54 -3.61 -10.23 -11.47
C ARG B 54 -3.90 -9.37 -10.24
N PHE B 55 -4.11 -10.02 -9.09
CA PHE B 55 -4.34 -9.33 -7.83
C PHE B 55 -3.11 -9.35 -6.93
N GLY B 56 -1.98 -9.78 -7.48
CA GLY B 56 -0.76 -9.87 -6.71
C GLY B 56 -0.36 -11.31 -6.45
N ILE B 57 0.56 -11.51 -5.51
CA ILE B 57 1.14 -12.83 -5.28
C ILE B 57 0.08 -13.85 -4.85
N THR B 58 0.23 -15.07 -5.34
CA THR B 58 -0.74 -16.12 -5.03
C THR B 58 -0.41 -16.82 -3.72
N SER B 59 -1.41 -17.46 -3.12
CA SER B 59 -1.18 -18.30 -1.95
C SER B 59 -0.16 -19.40 -2.24
N GLU B 60 -0.28 -20.04 -3.40
CA GLU B 60 0.64 -21.11 -3.80
C GLU B 60 2.08 -20.61 -3.84
N TRP B 61 2.30 -19.46 -4.47
CA TRP B 61 3.64 -18.91 -4.59
C TRP B 61 4.22 -18.58 -3.23
N LEU B 62 3.45 -17.90 -2.40
CA LEU B 62 3.95 -17.49 -1.10
C LEU B 62 4.27 -18.68 -0.20
N THR B 63 3.38 -19.67 -0.22
N THR B 63 3.40 -19.69 -0.21
CA THR B 63 3.55 -20.91 0.55
CA THR B 63 3.65 -20.87 0.63
C THR B 63 4.84 -21.64 0.13
C THR B 63 4.85 -21.69 0.13
N THR B 64 5.02 -21.77 -1.19
CA THR B 64 6.19 -22.44 -1.77
C THR B 64 7.49 -21.70 -1.44
N MET B 65 7.46 -20.38 -1.57
CA MET B 65 8.63 -19.56 -1.26
C MET B 65 8.99 -19.59 0.22
N ARG B 66 7.97 -19.60 1.09
CA ARG B 66 8.20 -19.73 2.52
C ARG B 66 8.92 -21.04 2.83
N GLU B 67 8.45 -22.12 2.21
CA GLU B 67 9.05 -23.44 2.41
C GLU B 67 10.49 -23.48 1.93
N LYS B 68 10.74 -22.91 0.75
CA LYS B 68 12.09 -22.81 0.20
C LYS B 68 13.02 -21.97 1.08
N TRP B 69 12.49 -20.88 1.63
CA TRP B 69 13.25 -20.01 2.52
C TRP B 69 13.71 -20.76 3.77
N LEU B 70 12.84 -21.63 4.28
CA LEU B 70 13.11 -22.37 5.50
C LEU B 70 14.02 -23.59 5.30
N SER B 71 13.83 -24.29 4.19
CA SER B 71 14.46 -25.60 3.99
C SER B 71 15.66 -25.58 3.03
N GLU B 72 15.63 -24.70 2.04
CA GLU B 72 16.62 -24.71 0.95
C GLU B 72 17.57 -23.53 0.93
N PHE B 73 17.12 -22.38 1.43
CA PHE B 73 17.91 -21.16 1.35
C PHE B 73 19.10 -21.15 2.31
N ASP B 74 20.26 -20.73 1.80
CA ASP B 74 21.45 -20.57 2.61
C ASP B 74 22.08 -19.21 2.31
N TRP B 75 22.20 -18.39 3.34
CA TRP B 75 22.76 -17.04 3.21
C TRP B 75 24.24 -17.03 2.88
N ARG B 76 24.99 -17.98 3.45
CA ARG B 76 26.46 -17.96 3.38
C ARG B 76 27.06 -17.95 1.95
N PRO B 77 26.60 -18.85 1.05
CA PRO B 77 27.10 -18.82 -0.34
C PRO B 77 26.83 -17.49 -1.06
N PHE B 78 25.67 -16.88 -0.80
CA PHE B 78 25.34 -15.58 -1.38
C PHE B 78 26.25 -14.49 -0.82
N GLU B 79 26.44 -14.52 0.49
CA GLU B 79 27.35 -13.61 1.19
C GLU B 79 28.78 -13.71 0.65
N ALA B 80 29.22 -14.94 0.41
CA ALA B 80 30.55 -15.19 -0.16
C ALA B 80 30.67 -14.55 -1.54
N ARG B 81 29.59 -14.65 -2.32
CA ARG B 81 29.53 -14.02 -3.64
C ARG B 81 29.58 -12.49 -3.52
N LEU B 82 28.88 -11.93 -2.53
CA LEU B 82 28.93 -10.49 -2.26
C LEU B 82 30.38 -10.07 -2.02
N ASN B 83 31.08 -10.86 -1.23
CA ASN B 83 32.46 -10.58 -0.85
C ASN B 83 33.51 -10.92 -1.90
N SER B 84 33.06 -11.44 -3.05
CA SER B 84 33.98 -11.82 -4.14
C SER B 84 34.52 -10.62 -4.92
N PHE B 85 33.81 -9.49 -4.85
CA PHE B 85 34.24 -8.24 -5.50
C PHE B 85 34.72 -7.22 -4.49
N PRO B 86 35.60 -6.29 -4.91
CA PRO B 86 36.05 -5.24 -3.99
C PRO B 86 34.87 -4.39 -3.50
N GLN B 87 34.79 -4.23 -2.18
CA GLN B 87 33.79 -3.39 -1.53
C GLN B 87 34.48 -2.45 -0.57
N PHE B 88 33.92 -1.25 -0.43
CA PHE B 88 34.46 -0.25 0.47
C PHE B 88 33.34 0.58 1.07
N THR B 89 33.65 1.30 2.15
CA THR B 89 32.79 2.37 2.62
C THR B 89 33.61 3.64 2.75
N THR B 90 32.92 4.78 2.62
CA THR B 90 33.51 6.07 2.93
C THR B 90 32.41 6.96 3.53
N GLU B 91 32.82 7.96 4.29
CA GLU B 91 31.86 8.83 4.95
C GLU B 91 31.62 10.10 4.13
N ILE B 92 30.35 10.34 3.81
CA ILE B 92 29.95 11.54 3.08
C ILE B 92 28.76 12.15 3.81
N GLU B 93 28.97 13.38 4.31
CA GLU B 93 27.95 14.11 5.08
C GLU B 93 27.41 13.33 6.29
N GLY B 94 28.30 12.61 6.96
CA GLY B 94 27.93 11.81 8.12
C GLY B 94 27.26 10.49 7.78
N LEU B 95 27.12 10.21 6.49
CA LEU B 95 26.56 8.94 6.04
C LEU B 95 27.68 7.99 5.67
N THR B 96 27.52 6.72 6.05
CA THR B 96 28.39 5.66 5.58
C THR B 96 27.89 5.26 4.20
N ILE B 97 28.70 5.54 3.18
CA ILE B 97 28.36 5.19 1.81
C ILE B 97 29.16 3.97 1.37
N HIS B 98 28.43 2.88 1.13
CA HIS B 98 29.00 1.62 0.68
C HIS B 98 29.08 1.63 -0.83
N PHE B 99 30.11 1.00 -1.38
CA PHE B 99 30.20 0.80 -2.82
C PHE B 99 31.03 -0.42 -3.17
N ALA B 100 30.65 -1.10 -4.25
CA ALA B 100 31.47 -2.12 -4.88
C ALA B 100 32.15 -1.45 -6.08
N ALA B 101 33.30 -2.00 -6.48
CA ALA B 101 34.04 -1.40 -7.59
C ALA B 101 34.98 -2.37 -8.29
N LEU B 102 35.22 -2.10 -9.57
CA LEU B 102 36.38 -2.63 -10.27
C LEU B 102 37.19 -1.44 -10.78
N PHE B 103 38.36 -1.24 -10.19
CA PHE B 103 39.24 -0.15 -10.58
C PHE B 103 40.29 -0.63 -11.57
N SER B 104 40.46 0.13 -12.65
CA SER B 104 41.49 -0.15 -13.63
C SER B 104 42.84 0.43 -13.20
N GLU B 105 43.91 -0.14 -13.74
CA GLU B 105 45.25 0.38 -13.53
C GLU B 105 45.65 1.35 -14.64
N ARG B 106 44.81 1.42 -15.68
CA ARG B 106 45.02 2.34 -16.81
C ARG B 106 44.74 3.77 -16.40
N GLU B 107 45.65 4.67 -16.79
CA GLU B 107 45.51 6.08 -16.49
C GLU B 107 44.42 6.74 -17.34
N ASP B 108 44.11 6.12 -18.48
CA ASP B 108 43.11 6.65 -19.42
C ASP B 108 41.73 6.00 -19.28
N ALA B 109 41.54 5.21 -18.23
CA ALA B 109 40.27 4.51 -18.00
C ALA B 109 39.13 5.50 -17.74
N VAL B 110 37.99 5.25 -18.37
CA VAL B 110 36.82 6.11 -18.21
C VAL B 110 36.08 5.73 -16.92
N PRO B 111 35.91 6.69 -16.01
CA PRO B 111 35.15 6.37 -14.78
C PRO B 111 33.66 6.33 -15.03
N ILE B 112 33.01 5.27 -14.55
CA ILE B 112 31.57 5.11 -14.69
C ILE B 112 30.99 4.73 -13.32
N ALA B 113 29.92 5.40 -12.91
CA ALA B 113 29.12 4.92 -11.79
C ALA B 113 27.80 4.38 -12.30
N LEU B 114 27.43 3.21 -11.80
CA LEU B 114 26.22 2.52 -12.22
C LEU B 114 25.25 2.51 -11.04
N LEU B 115 24.05 3.04 -11.27
CA LEU B 115 23.12 3.37 -10.19
C LEU B 115 21.86 2.51 -10.20
N HIS B 116 21.64 1.82 -9.09
CA HIS B 116 20.47 0.97 -8.91
C HIS B 116 19.26 1.80 -8.47
N GLY B 117 18.13 1.11 -8.31
CA GLY B 117 16.91 1.72 -7.77
C GLY B 117 16.26 0.79 -6.74
N TRP B 118 14.93 0.85 -6.67
CA TRP B 118 14.15 0.06 -5.72
C TRP B 118 13.35 -0.98 -6.51
N PRO B 119 13.28 -2.24 -6.05
CA PRO B 119 13.85 -2.83 -4.84
C PRO B 119 15.19 -3.50 -5.11
N GLY B 120 16.05 -2.81 -5.84
CA GLY B 120 17.36 -3.35 -6.15
C GLY B 120 18.43 -2.87 -5.22
N SER B 121 19.69 -3.02 -5.66
CA SER B 121 20.85 -2.73 -4.85
C SER B 121 22.09 -2.86 -5.70
N PHE B 122 23.24 -2.61 -5.10
CA PHE B 122 24.52 -2.74 -5.77
C PHE B 122 24.74 -4.13 -6.40
N VAL B 123 24.12 -5.15 -5.79
N VAL B 123 24.19 -5.17 -5.78
CA VAL B 123 24.21 -6.53 -6.24
CA VAL B 123 24.48 -6.53 -6.23
C VAL B 123 23.70 -6.71 -7.67
C VAL B 123 23.83 -6.86 -7.58
N GLU B 124 22.70 -5.92 -8.06
N GLU B 124 22.90 -6.01 -8.02
CA GLU B 124 22.18 -5.99 -9.42
CA GLU B 124 22.29 -6.16 -9.34
C GLU B 124 23.28 -5.97 -10.48
C GLU B 124 23.32 -6.03 -10.45
N PHE B 125 24.37 -5.26 -10.20
CA PHE B 125 25.44 -5.05 -11.18
C PHE B 125 26.55 -6.09 -11.13
N TYR B 126 26.45 -7.04 -10.20
CA TYR B 126 27.48 -8.08 -10.09
C TYR B 126 27.67 -8.91 -11.37
N PRO B 127 26.58 -9.37 -12.01
CA PRO B 127 26.78 -10.03 -13.30
C PRO B 127 27.62 -9.22 -14.30
N ILE B 128 27.35 -7.91 -14.41
CA ILE B 128 28.12 -7.04 -15.31
C ILE B 128 29.57 -6.91 -14.85
N LEU B 129 29.79 -6.73 -13.55
CA LEU B 129 31.15 -6.66 -13.03
C LEU B 129 31.91 -7.95 -13.33
N GLN B 130 31.23 -9.08 -13.19
CA GLN B 130 31.82 -10.40 -13.48
C GLN B 130 32.25 -10.54 -14.94
N LEU B 131 31.41 -10.04 -15.85
CA LEU B 131 31.73 -10.06 -17.28
C LEU B 131 32.99 -9.25 -17.57
N PHE B 132 33.11 -8.07 -16.96
CA PHE B 132 34.31 -7.25 -17.12
C PHE B 132 35.56 -7.91 -16.55
N ARG B 133 35.40 -8.52 -15.36
CA ARG B 133 36.51 -9.20 -14.68
C ARG B 133 37.01 -10.41 -15.47
N GLU B 134 36.11 -11.12 -16.14
CA GLU B 134 36.46 -12.26 -16.99
C GLU B 134 37.20 -11.82 -18.25
N GLU B 135 36.80 -10.68 -18.79
CA GLU B 135 37.26 -10.23 -20.09
C GLU B 135 38.55 -9.41 -20.05
N TYR B 136 38.85 -8.84 -18.89
CA TYR B 136 40.00 -7.95 -18.76
C TYR B 136 40.88 -8.27 -17.56
N THR B 137 42.10 -7.73 -17.58
CA THR B 137 42.96 -7.70 -16.41
C THR B 137 42.91 -6.27 -15.87
N PRO B 138 43.39 -6.04 -14.63
CA PRO B 138 43.47 -4.66 -14.16
C PRO B 138 44.26 -3.74 -15.11
N GLU B 139 45.19 -4.33 -15.86
CA GLU B 139 46.02 -3.58 -16.78
C GLU B 139 45.31 -3.22 -18.10
N THR B 140 44.27 -3.98 -18.45
CA THR B 140 43.56 -3.79 -19.71
C THR B 140 42.14 -3.24 -19.57
N LEU B 141 41.59 -3.31 -18.36
CA LEU B 141 40.22 -2.83 -18.10
C LEU B 141 40.04 -1.39 -18.56
N PRO B 142 39.13 -1.15 -19.53
CA PRO B 142 39.00 0.17 -20.13
C PRO B 142 38.28 1.20 -19.25
N PHE B 143 37.55 0.73 -18.23
CA PHE B 143 36.76 1.61 -17.38
C PHE B 143 37.07 1.42 -15.90
N HIS B 144 36.79 2.45 -15.10
CA HIS B 144 36.59 2.29 -13.67
C HIS B 144 35.09 2.10 -13.47
N LEU B 145 34.72 1.05 -12.76
CA LEU B 145 33.31 0.73 -12.56
C LEU B 145 32.96 0.83 -11.09
N VAL B 146 32.19 1.87 -10.76
CA VAL B 146 31.81 2.14 -9.38
C VAL B 146 30.32 1.87 -9.23
N VAL B 147 29.99 1.02 -8.26
CA VAL B 147 28.60 0.64 -7.99
C VAL B 147 28.22 1.03 -6.56
N PRO B 148 27.74 2.27 -6.37
CA PRO B 148 27.42 2.70 -5.01
C PRO B 148 26.09 2.14 -4.51
N SER B 149 26.01 1.96 -3.20
CA SER B 149 24.74 1.76 -2.55
C SER B 149 24.18 3.14 -2.25
N LEU B 150 23.05 3.47 -2.85
CA LEU B 150 22.44 4.77 -2.61
C LEU B 150 22.08 4.93 -1.13
N PRO B 151 22.09 6.17 -0.62
CA PRO B 151 21.64 6.40 0.74
C PRO B 151 20.33 5.65 1.06
N GLY B 152 20.32 4.96 2.18
CA GLY B 152 19.15 4.22 2.63
C GLY B 152 19.09 2.77 2.17
N TYR B 153 20.04 2.33 1.36
CA TYR B 153 20.03 0.96 0.83
C TYR B 153 21.16 0.10 1.37
N THR B 154 20.82 -1.13 1.71
CA THR B 154 21.76 -2.17 2.14
C THR B 154 22.82 -1.65 3.11
N PHE B 155 24.08 -1.63 2.67
CA PHE B 155 25.19 -1.32 3.57
C PHE B 155 25.55 0.17 3.64
N SER B 156 24.80 0.99 2.91
CA SER B 156 24.85 2.43 3.11
C SER B 156 23.88 2.81 4.23
N SER B 157 24.30 3.74 5.09
CA SER B 157 23.46 4.20 6.17
C SER B 157 22.51 5.28 5.65
N GLY B 158 21.81 5.94 6.57
CA GLY B 158 20.92 7.03 6.19
C GLY B 158 19.59 6.60 5.59
N PRO B 159 18.82 7.57 5.08
CA PRO B 159 19.15 9.00 5.08
C PRO B 159 19.05 9.60 6.49
N PRO B 160 19.42 10.89 6.64
CA PRO B 160 19.40 11.52 7.97
C PRO B 160 18.07 11.42 8.70
N LEU B 161 18.11 11.46 10.02
CA LEU B 161 16.91 11.42 10.85
C LEU B 161 16.33 12.82 11.11
N ASP B 162 17.18 13.84 10.97
CA ASP B 162 16.83 15.19 11.42
C ASP B 162 16.50 16.18 10.31
N LYS B 163 16.50 15.71 9.07
CA LYS B 163 16.12 16.54 7.93
C LYS B 163 15.61 15.68 6.78
N ASP B 164 14.84 16.29 5.89
CA ASP B 164 14.34 15.62 4.70
C ASP B 164 15.51 15.35 3.76
N PHE B 165 15.34 14.41 2.85
CA PHE B 165 16.40 13.98 1.93
C PHE B 165 15.71 13.56 0.66
N GLY B 166 16.20 14.04 -0.49
CA GLY B 166 15.55 13.76 -1.77
C GLY B 166 16.48 13.34 -2.88
N LEU B 167 15.97 13.45 -4.11
CA LEU B 167 16.70 12.99 -5.29
C LEU B 167 17.97 13.79 -5.53
N MET B 168 17.90 15.11 -5.35
CA MET B 168 19.08 15.96 -5.52
C MET B 168 20.17 15.63 -4.48
N ASP B 169 19.75 15.33 -3.25
CA ASP B 169 20.68 14.93 -2.20
C ASP B 169 21.40 13.63 -2.56
N ASN B 170 20.65 12.70 -3.15
CA ASN B 170 21.23 11.45 -3.66
C ASN B 170 22.28 11.73 -4.74
N ALA B 171 21.94 12.60 -5.69
CA ALA B 171 22.88 12.98 -6.74
C ALA B 171 24.15 13.61 -6.17
N ARG B 172 23.97 14.51 -5.20
CA ARG B 172 25.10 15.18 -4.55
C ARG B 172 26.07 14.16 -3.94
N VAL B 173 25.51 13.15 -3.28
CA VAL B 173 26.31 12.11 -2.66
C VAL B 173 27.09 11.29 -3.69
N VAL B 174 26.43 10.90 -4.78
CA VAL B 174 27.10 10.13 -5.84
C VAL B 174 28.23 10.94 -6.48
N ASP B 175 27.96 12.20 -6.78
CA ASP B 175 28.97 13.09 -7.37
C ASP B 175 30.16 13.26 -6.42
N GLN B 176 29.88 13.41 -5.13
CA GLN B 176 30.96 13.55 -4.15
C GLN B 176 31.80 12.28 -4.05
N LEU B 177 31.14 11.12 -4.11
CA LEU B 177 31.85 9.84 -4.08
C LEU B 177 32.81 9.72 -5.26
N MET B 178 32.34 10.10 -6.45
CA MET B 178 33.17 10.03 -7.65
C MET B 178 34.37 10.99 -7.56
N LYS B 179 34.13 12.18 -7.02
CA LYS B 179 35.23 13.13 -6.78
C LYS B 179 36.22 12.57 -5.75
N ASP B 180 35.69 11.98 -4.67
CA ASP B 180 36.53 11.34 -3.65
C ASP B 180 37.45 10.28 -4.26
N LEU B 181 36.93 9.52 -5.22
CA LEU B 181 37.67 8.42 -5.83
C LEU B 181 38.66 8.88 -6.90
N GLY B 182 38.65 10.18 -7.18
CA GLY B 182 39.62 10.79 -8.09
C GLY B 182 39.09 11.13 -9.46
N PHE B 183 37.76 11.18 -9.60
CA PHE B 183 37.14 11.35 -10.91
C PHE B 183 36.52 12.74 -11.14
N GLY B 184 37.03 13.75 -10.44
CA GLY B 184 36.60 15.12 -10.63
C GLY B 184 36.75 15.64 -12.07
N SER B 185 37.73 15.12 -12.79
CA SER B 185 37.96 15.53 -14.18
C SER B 185 36.86 15.05 -15.13
N GLY B 186 36.07 14.08 -14.69
CA GLY B 186 34.94 13.60 -15.47
C GLY B 186 34.58 12.16 -15.23
N TYR B 187 33.26 11.91 -15.24
CA TYR B 187 32.74 10.54 -15.17
C TYR B 187 31.45 10.44 -15.96
N ILE B 188 31.06 9.21 -16.24
CA ILE B 188 29.81 8.90 -16.90
C ILE B 188 28.91 8.16 -15.92
N ILE B 189 27.60 8.36 -16.08
CA ILE B 189 26.61 7.68 -15.24
C ILE B 189 25.79 6.72 -16.07
N GLN B 190 25.59 5.52 -15.53
CA GLN B 190 24.60 4.58 -16.04
C GLN B 190 23.54 4.47 -14.96
N GLY B 191 22.28 4.64 -15.34
CA GLY B 191 21.19 4.56 -14.37
C GLY B 191 19.95 3.84 -14.87
N GLY B 192 19.32 3.12 -13.95
CA GLY B 192 18.01 2.52 -14.17
C GLY B 192 17.13 2.85 -12.98
N ASP B 193 15.81 2.73 -13.17
CA ASP B 193 14.84 2.94 -12.09
C ASP B 193 15.05 4.32 -11.42
N ILE B 194 15.00 4.37 -10.09
CA ILE B 194 15.26 5.64 -9.38
C ILE B 194 16.65 6.17 -9.70
N GLY B 195 17.60 5.27 -9.92
CA GLY B 195 18.95 5.62 -10.37
C GLY B 195 18.97 6.42 -11.66
N SER B 196 17.96 6.25 -12.52
N SER B 196 17.95 6.27 -12.51
N SER B 196 17.96 6.25 -12.50
CA SER B 196 17.83 7.03 -13.74
CA SER B 196 17.87 7.04 -13.75
CA SER B 196 17.82 7.01 -13.75
C SER B 196 17.56 8.49 -13.43
C SER B 196 17.46 8.50 -13.52
C SER B 196 17.51 8.49 -13.46
N PHE B 197 16.67 8.74 -12.47
CA PHE B 197 16.34 10.11 -12.08
C PHE B 197 17.55 10.77 -11.41
N VAL B 198 18.25 10.02 -10.56
CA VAL B 198 19.50 10.52 -9.99
C VAL B 198 20.50 10.82 -11.11
N GLY B 199 20.59 9.92 -12.09
CA GLY B 199 21.45 10.12 -13.26
C GLY B 199 21.10 11.35 -14.08
N ARG B 200 19.80 11.58 -14.27
CA ARG B 200 19.32 12.78 -14.94
C ARG B 200 19.78 14.04 -14.21
N LEU B 201 19.62 14.06 -12.89
CA LEU B 201 20.04 15.20 -12.08
C LEU B 201 21.55 15.41 -12.13
N LEU B 202 22.31 14.33 -12.20
CA LEU B 202 23.76 14.44 -12.36
C LEU B 202 24.09 15.07 -13.72
N GLY B 203 23.42 14.61 -14.76
CA GLY B 203 23.63 15.16 -16.11
C GLY B 203 23.28 16.63 -16.21
N VAL B 204 22.19 17.02 -15.56
CA VAL B 204 21.70 18.40 -15.60
C VAL B 204 22.54 19.35 -14.72
N GLY B 205 22.88 18.91 -13.51
CA GLY B 205 23.36 19.84 -12.48
C GLY B 205 24.79 19.72 -12.01
N PHE B 206 25.49 18.68 -12.44
CA PHE B 206 26.83 18.40 -11.93
C PHE B 206 27.87 18.36 -13.05
N ASP B 207 28.79 19.33 -13.01
CA ASP B 207 29.75 19.56 -14.10
C ASP B 207 30.67 18.38 -14.38
N ALA B 208 31.02 17.61 -13.35
CA ALA B 208 31.94 16.48 -13.52
C ALA B 208 31.28 15.30 -14.24
N CYS B 209 29.95 15.25 -14.21
CA CYS B 209 29.21 14.26 -14.98
C CYS B 209 29.21 14.69 -16.45
N LYS B 210 29.85 13.89 -17.30
CA LYS B 210 30.06 14.28 -18.70
C LYS B 210 29.05 13.67 -19.68
N ALA B 211 28.41 12.58 -19.28
CA ALA B 211 27.44 11.89 -20.12
C ALA B 211 26.59 10.97 -19.26
N VAL B 212 25.40 10.64 -19.78
CA VAL B 212 24.44 9.84 -19.03
C VAL B 212 23.84 8.77 -19.95
N HIS B 213 23.94 7.51 -19.52
CA HIS B 213 23.24 6.42 -20.17
C HIS B 213 22.14 5.91 -19.24
N LEU B 214 20.91 5.85 -19.75
CA LEU B 214 19.77 5.35 -18.98
C LEU B 214 19.13 4.14 -19.62
N ASN B 215 18.57 3.25 -18.80
CA ASN B 215 17.72 2.18 -19.32
C ASN B 215 16.29 2.29 -18.78
N PHE B 216 15.94 3.49 -18.34
CA PHE B 216 14.62 3.75 -17.78
C PHE B 216 14.30 5.24 -17.87
N CYS B 217 13.08 5.56 -18.26
CA CYS B 217 12.57 6.93 -18.24
C CYS B 217 11.06 6.91 -18.05
N ASN B 218 10.61 7.41 -16.90
N ASN B 218 10.60 7.36 -16.89
CA ASN B 218 9.19 7.50 -16.60
CA ASN B 218 9.16 7.47 -16.65
C ASN B 218 8.61 8.86 -16.96
C ASN B 218 8.67 8.85 -17.01
N MET B 219 7.92 8.92 -18.10
CA MET B 219 7.38 10.17 -18.61
C MET B 219 6.03 9.94 -19.25
N SER B 220 5.22 11.00 -19.27
CA SER B 220 3.96 11.01 -20.00
C SER B 220 4.19 11.62 -21.36
N ALA B 221 3.14 11.74 -22.16
CA ALA B 221 3.21 12.33 -23.49
C ALA B 221 3.90 13.70 -23.46
N PRO B 222 4.95 13.88 -24.29
CA PRO B 222 5.66 15.15 -24.41
C PRO B 222 4.80 16.21 -25.11
N PRO B 223 5.00 17.50 -24.78
CA PRO B 223 4.21 18.59 -25.35
C PRO B 223 4.39 18.76 -26.85
N SER B 230 1.84 9.14 -35.66
CA SER B 230 3.27 9.02 -35.87
C SER B 230 3.84 7.75 -35.21
N LEU B 231 3.13 7.23 -34.22
CA LEU B 231 3.60 6.06 -33.46
C LEU B 231 3.27 4.74 -34.14
N SER B 232 4.23 3.82 -34.13
CA SER B 232 4.04 2.48 -34.68
C SER B 232 3.22 1.62 -33.72
N ALA B 233 2.72 0.49 -34.21
CA ALA B 233 1.95 -0.43 -33.38
C ALA B 233 2.77 -0.94 -32.21
N ALA B 234 4.05 -1.24 -32.46
CA ALA B 234 4.95 -1.71 -31.42
C ALA B 234 5.14 -0.66 -30.33
N GLU B 235 5.26 0.60 -30.75
CA GLU B 235 5.41 1.70 -29.81
C GLU B 235 4.15 1.93 -29.00
N LYS B 236 2.99 1.80 -29.65
CA LYS B 236 1.70 1.91 -28.97
C LYS B 236 1.50 0.82 -27.91
N GLU B 237 2.00 -0.39 -28.20
N GLU B 237 2.01 -0.38 -28.19
CA GLU B 237 1.99 -1.50 -27.25
CA GLU B 237 1.96 -1.49 -27.23
C GLU B 237 2.77 -1.11 -26.00
C GLU B 237 2.82 -1.18 -26.00
N GLY B 238 3.93 -0.49 -26.21
CA GLY B 238 4.78 -0.02 -25.11
C GLY B 238 4.04 1.00 -24.25
N ILE B 239 3.38 1.94 -24.91
CA ILE B 239 2.56 2.93 -24.22
C ILE B 239 1.41 2.31 -23.43
N ALA B 240 0.78 1.28 -24.00
CA ALA B 240 -0.27 0.53 -23.30
C ALA B 240 0.25 -0.09 -22.02
N ARG B 241 1.44 -0.67 -22.08
CA ARG B 241 2.08 -1.27 -20.91
C ARG B 241 2.40 -0.21 -19.86
N MET B 242 2.89 0.95 -20.31
N MET B 242 2.90 0.94 -20.30
CA MET B 242 3.14 2.10 -19.43
CA MET B 242 3.14 2.08 -19.42
C MET B 242 1.87 2.54 -18.72
C MET B 242 1.86 2.52 -18.71
N GLU B 243 0.77 2.65 -19.46
CA GLU B 243 -0.51 3.09 -18.93
C GLU B 243 -1.08 2.13 -17.90
N LYS B 244 -0.97 0.82 -18.19
CA LYS B 244 -1.39 -0.20 -17.23
C LYS B 244 -0.55 -0.12 -15.95
N PHE B 245 0.76 0.01 -16.10
CA PHE B 245 1.63 0.15 -14.94
C PHE B 245 1.24 1.34 -14.08
N MET B 246 0.99 2.48 -14.73
CA MET B 246 0.69 3.72 -14.00
C MET B 246 -0.69 3.73 -13.35
N THR B 247 -1.60 2.88 -13.83
CA THR B 247 -2.99 2.87 -13.34
C THR B 247 -3.34 1.66 -12.49
N ASP B 248 -2.79 0.50 -12.82
CA ASP B 248 -3.04 -0.74 -12.10
C ASP B 248 -1.82 -1.22 -11.31
N GLY B 249 -0.63 -0.77 -11.69
CA GLY B 249 0.60 -1.31 -11.09
C GLY B 249 1.35 -0.35 -10.20
N TYR B 250 0.74 0.78 -9.86
CA TYR B 250 1.47 1.87 -9.21
C TYR B 250 1.10 2.12 -7.76
N ALA B 251 0.16 1.35 -7.21
CA ALA B 251 -0.31 1.60 -5.86
C ALA B 251 0.83 1.51 -4.82
N TYR B 252 1.72 0.55 -5.00
CA TYR B 252 2.87 0.40 -4.10
C TYR B 252 3.66 1.72 -4.01
N ALA B 253 3.88 2.35 -5.16
CA ALA B 253 4.67 3.58 -5.24
C ALA B 253 3.94 4.75 -4.59
N MET B 254 2.63 4.79 -4.75
N MET B 254 2.62 4.78 -4.75
CA MET B 254 1.81 5.82 -4.09
CA MET B 254 1.78 5.78 -4.12
C MET B 254 1.85 5.66 -2.57
C MET B 254 1.84 5.66 -2.59
N GLU B 255 1.90 4.43 -2.09
CA GLU B 255 2.01 4.18 -0.66
C GLU B 255 3.39 4.59 -0.15
N HIS B 256 4.44 4.25 -0.89
CA HIS B 256 5.80 4.70 -0.56
C HIS B 256 5.88 6.22 -0.48
N SER B 257 5.23 6.89 -1.44
N SER B 257 5.22 6.89 -1.43
CA SER B 257 5.28 8.35 -1.51
CA SER B 257 5.30 8.35 -1.53
C SER B 257 4.55 9.01 -0.35
C SER B 257 4.48 9.10 -0.48
N THR B 258 3.31 8.58 -0.14
CA THR B 258 2.39 9.28 0.76
C THR B 258 2.48 8.85 2.23
N ARG B 259 2.78 7.57 2.45
CA ARG B 259 2.84 7.04 3.82
C ARG B 259 4.06 6.15 4.05
N PRO B 260 5.26 6.70 3.79
CA PRO B 260 6.45 5.87 3.94
C PRO B 260 6.65 5.32 5.34
N SER B 261 6.25 6.08 6.36
CA SER B 261 6.44 5.59 7.72
C SER B 261 5.60 4.35 8.01
N THR B 262 4.32 4.39 7.63
CA THR B 262 3.44 3.26 7.82
C THR B 262 3.92 2.03 7.08
N ILE B 263 4.15 2.15 5.78
CA ILE B 263 4.56 0.98 5.01
C ILE B 263 5.95 0.47 5.45
N GLY B 264 6.81 1.39 5.86
CA GLY B 264 8.12 1.02 6.43
C GLY B 264 7.97 0.11 7.63
N HIS B 265 7.07 0.47 8.54
CA HIS B 265 6.81 -0.37 9.71
C HIS B 265 6.13 -1.69 9.34
N VAL B 266 5.17 -1.63 8.43
CA VAL B 266 4.46 -2.82 7.97
C VAL B 266 5.44 -3.88 7.45
N LEU B 267 6.38 -3.48 6.60
CA LEU B 267 7.28 -4.45 5.98
C LEU B 267 8.47 -4.83 6.85
N SER B 268 8.72 -4.04 7.90
CA SER B 268 9.76 -4.39 8.87
C SER B 268 9.24 -5.41 9.88
N SER B 269 7.93 -5.53 10.00
CA SER B 269 7.34 -6.35 11.06
C SER B 269 7.59 -7.84 10.89
N SER B 270 7.63 -8.29 9.65
CA SER B 270 7.73 -9.70 9.31
C SER B 270 8.43 -9.87 7.98
N PRO B 271 9.33 -10.87 7.86
CA PRO B 271 10.01 -11.06 6.58
C PRO B 271 9.07 -11.60 5.49
N ILE B 272 7.96 -12.20 5.90
CA ILE B 272 6.94 -12.64 4.95
C ILE B 272 6.22 -11.42 4.34
N ALA B 273 5.97 -10.40 5.16
CA ALA B 273 5.43 -9.14 4.64
C ALA B 273 6.34 -8.56 3.57
N LEU B 274 7.64 -8.51 3.87
CA LEU B 274 8.62 -7.98 2.94
C LEU B 274 8.68 -8.81 1.66
N LEU B 275 8.71 -10.14 1.81
CA LEU B 275 8.71 -11.04 0.67
C LEU B 275 7.50 -10.84 -0.24
N ALA B 276 6.31 -10.70 0.35
CA ALA B 276 5.11 -10.52 -0.45
C ALA B 276 5.17 -9.22 -1.25
N TRP B 277 5.50 -8.12 -0.57
CA TRP B 277 5.49 -6.80 -1.20
C TRP B 277 6.55 -6.67 -2.29
N ILE B 278 7.77 -7.07 -1.97
CA ILE B 278 8.88 -6.96 -2.92
C ILE B 278 8.87 -8.09 -3.94
N GLY B 279 8.56 -9.30 -3.48
CA GLY B 279 8.48 -10.48 -4.36
C GLY B 279 7.51 -10.28 -5.51
N GLU B 280 6.39 -9.60 -5.26
CA GLU B 280 5.42 -9.31 -6.31
C GLU B 280 6.10 -8.61 -7.50
N LYS B 281 7.01 -7.71 -7.19
CA LYS B 281 7.67 -6.90 -8.21
C LYS B 281 8.75 -7.71 -8.95
N TYR B 282 9.47 -8.55 -8.22
CA TYR B 282 10.41 -9.46 -8.88
C TYR B 282 9.70 -10.44 -9.81
N LEU B 283 8.42 -10.71 -9.55
CA LEU B 283 7.64 -11.58 -10.43
C LEU B 283 7.07 -10.83 -11.65
N GLN B 284 6.52 -9.65 -11.41
CA GLN B 284 5.77 -8.95 -12.45
C GLN B 284 6.64 -8.13 -13.39
N TRP B 285 7.81 -7.72 -12.91
CA TRP B 285 8.60 -6.72 -13.61
C TRP B 285 9.63 -7.28 -14.60
N VAL B 286 9.83 -8.59 -14.56
CA VAL B 286 10.82 -9.24 -15.42
C VAL B 286 10.18 -9.78 -16.69
N ASP B 287 11.03 -10.09 -17.69
CA ASP B 287 10.59 -10.80 -18.88
C ASP B 287 10.56 -12.29 -18.53
N LYS B 288 11.73 -12.93 -18.55
CA LYS B 288 11.86 -14.32 -18.13
C LYS B 288 11.92 -14.40 -16.60
N PRO B 289 11.19 -15.36 -16.00
CA PRO B 289 11.19 -15.49 -14.54
C PRO B 289 12.58 -15.65 -13.94
N LEU B 290 12.85 -14.91 -12.86
CA LEU B 290 14.09 -15.06 -12.12
C LEU B 290 14.05 -16.34 -11.29
N PRO B 291 15.24 -16.90 -10.96
CA PRO B 291 15.26 -18.03 -10.03
C PRO B 291 14.69 -17.61 -8.69
N SER B 292 13.93 -18.50 -8.05
N SER B 292 13.92 -18.51 -8.06
CA SER B 292 13.37 -18.23 -6.73
CA SER B 292 13.37 -18.27 -6.73
C SER B 292 14.46 -17.92 -5.71
C SER B 292 14.46 -17.90 -5.73
N GLU B 293 15.62 -18.55 -5.87
CA GLU B 293 16.79 -18.28 -5.05
C GLU B 293 17.22 -16.80 -5.10
N THR B 294 17.21 -16.21 -6.30
CA THR B 294 17.54 -14.80 -6.48
C THR B 294 16.60 -13.90 -5.67
N ILE B 295 15.30 -14.17 -5.77
CA ILE B 295 14.32 -13.38 -5.03
C ILE B 295 14.57 -13.51 -3.53
N LEU B 296 14.83 -14.73 -3.04
CA LEU B 296 15.11 -14.93 -1.62
C LEU B 296 16.39 -14.21 -1.17
N GLU B 297 17.40 -14.19 -2.04
CA GLU B 297 18.64 -13.47 -1.76
C GLU B 297 18.40 -11.97 -1.59
N MET B 298 17.68 -11.38 -2.55
CA MET B 298 17.46 -9.94 -2.53
C MET B 298 16.55 -9.51 -1.39
N VAL B 299 15.52 -10.31 -1.12
CA VAL B 299 14.63 -10.02 -0.01
C VAL B 299 15.35 -10.18 1.33
N SER B 300 16.15 -11.24 1.46
CA SER B 300 16.92 -11.45 2.69
C SER B 300 17.92 -10.33 2.90
N LEU B 301 18.56 -9.88 1.82
CA LEU B 301 19.49 -8.76 1.89
C LEU B 301 18.79 -7.50 2.40
N TYR B 302 17.61 -7.20 1.85
CA TYR B 302 16.83 -6.06 2.32
C TYR B 302 16.45 -6.21 3.80
N TRP B 303 16.01 -7.41 4.18
CA TRP B 303 15.62 -7.66 5.56
C TRP B 303 16.78 -7.42 6.54
N LEU B 304 17.92 -8.03 6.24
CA LEU B 304 19.06 -8.02 7.15
C LEU B 304 19.74 -6.66 7.27
N THR B 305 19.45 -5.76 6.33
CA THR B 305 20.02 -4.42 6.35
C THR B 305 18.97 -3.36 6.64
N GLU B 306 17.74 -3.80 6.91
CA GLU B 306 16.63 -2.88 7.18
C GLU B 306 16.54 -1.81 6.08
N SER B 307 16.65 -2.24 4.83
CA SER B 307 16.70 -1.34 3.70
C SER B 307 15.36 -0.66 3.45
N PHE B 308 14.29 -1.45 3.46
CA PHE B 308 13.02 -0.93 2.96
C PHE B 308 12.57 0.42 3.54
N PRO B 309 12.47 0.54 4.87
CA PRO B 309 11.95 1.80 5.44
C PRO B 309 12.83 3.02 5.17
N ARG B 310 14.13 2.78 4.92
CA ARG B 310 15.11 3.85 4.69
C ARG B 310 15.23 4.23 3.23
N ALA B 311 15.02 3.26 2.35
CA ALA B 311 15.26 3.45 0.91
C ALA B 311 14.16 4.22 0.21
N ILE B 312 12.96 4.22 0.78
CA ILE B 312 11.79 4.73 0.07
C ILE B 312 11.62 6.24 0.16
N HIS B 313 12.57 6.93 0.80
CA HIS B 313 12.47 8.39 0.99
C HIS B 313 12.32 9.16 -0.31
N THR B 314 12.86 8.61 -1.40
CA THR B 314 12.83 9.32 -2.68
C THR B 314 11.45 9.33 -3.34
N TYR B 315 10.59 8.41 -2.96
CA TYR B 315 9.29 8.27 -3.64
C TYR B 315 8.44 9.52 -3.59
N ARG B 316 8.48 10.25 -2.48
CA ARG B 316 7.64 11.45 -2.35
C ARG B 316 8.06 12.55 -3.32
N GLU B 317 9.27 12.45 -3.89
CA GLU B 317 9.71 13.34 -4.96
C GLU B 317 9.63 12.69 -6.35
N TRP B 318 9.85 11.37 -6.41
CA TRP B 318 9.95 10.65 -7.68
C TRP B 318 8.61 10.45 -8.38
N VAL B 319 7.59 10.17 -7.57
N VAL B 319 7.56 10.14 -7.62
CA VAL B 319 6.23 9.92 -8.06
CA VAL B 319 6.25 9.84 -8.24
C VAL B 319 5.56 11.22 -8.52
C VAL B 319 5.70 11.01 -9.06
N ALA B 328 2.93 19.85 -16.15
CA ALA B 328 4.36 20.16 -16.01
C ALA B 328 5.20 19.35 -16.97
N THR B 329 6.22 20.00 -17.54
CA THR B 329 7.14 19.33 -18.48
C THR B 329 8.60 19.52 -18.06
N PRO B 330 9.00 18.97 -16.90
CA PRO B 330 10.37 19.19 -16.41
C PRO B 330 11.44 18.59 -17.31
N TYR B 331 11.17 17.43 -17.91
CA TYR B 331 12.17 16.73 -18.71
C TYR B 331 12.54 17.45 -20.00
N GLN B 332 11.62 18.26 -20.52
CA GLN B 332 11.85 19.02 -21.75
C GLN B 332 12.45 20.39 -21.45
N LYS B 333 12.42 20.78 -20.19
CA LYS B 333 12.90 22.10 -19.79
C LYS B 333 14.07 22.03 -18.81
N GLU B 334 13.81 22.29 -17.53
CA GLU B 334 14.90 22.40 -16.54
C GLU B 334 15.67 21.10 -16.31
N LEU B 335 15.05 19.97 -16.59
CA LEU B 335 15.70 18.67 -16.39
C LEU B 335 16.10 17.99 -17.72
N TYR B 336 16.13 18.78 -18.79
CA TYR B 336 16.64 18.32 -20.08
C TYR B 336 18.14 18.06 -19.97
N ILE B 337 18.57 16.88 -20.43
CA ILE B 337 19.99 16.52 -20.40
C ILE B 337 20.70 17.06 -21.64
N HIS B 338 21.45 18.14 -21.46
CA HIS B 338 22.14 18.80 -22.57
C HIS B 338 23.40 18.05 -23.00
N LYS B 339 23.98 17.32 -22.05
CA LYS B 339 25.16 16.50 -22.29
C LYS B 339 24.80 15.24 -23.08
N PRO B 340 25.81 14.56 -23.68
CA PRO B 340 25.50 13.37 -24.47
C PRO B 340 24.67 12.37 -23.66
N PHE B 341 23.58 11.93 -24.26
CA PHE B 341 22.56 11.15 -23.57
C PHE B 341 22.31 9.89 -24.39
N GLY B 342 22.35 8.73 -23.71
CA GLY B 342 22.14 7.45 -24.35
C GLY B 342 21.05 6.65 -23.64
N PHE B 343 20.36 5.80 -24.40
CA PHE B 343 19.26 5.03 -23.84
C PHE B 343 19.24 3.59 -24.35
N SER B 344 18.98 2.66 -23.44
CA SER B 344 18.75 1.26 -23.78
C SER B 344 17.31 0.89 -23.45
N PHE B 345 16.59 0.46 -24.48
CA PHE B 345 15.17 0.15 -24.39
C PHE B 345 14.98 -1.36 -24.25
N PHE B 346 14.36 -1.77 -23.16
CA PHE B 346 13.94 -3.15 -22.96
C PHE B 346 12.40 -3.19 -22.94
N PRO B 347 11.80 -4.09 -23.73
CA PRO B 347 10.37 -4.01 -24.02
C PRO B 347 9.44 -4.30 -22.85
N LYS B 348 9.90 -5.12 -21.90
CA LYS B 348 9.05 -5.49 -20.75
C LYS B 348 9.41 -4.71 -19.48
N ASP B 349 10.10 -3.59 -19.68
CA ASP B 349 10.30 -2.63 -18.60
C ASP B 349 8.95 -2.01 -18.20
N LEU B 350 8.94 -1.21 -17.15
CA LEU B 350 7.69 -0.76 -16.53
C LEU B 350 6.95 0.28 -17.36
N VAL B 351 7.72 1.19 -17.96
CA VAL B 351 7.14 2.32 -18.67
C VAL B 351 7.84 2.49 -20.03
N PRO B 352 7.62 1.54 -20.95
CA PRO B 352 8.39 1.48 -22.20
C PRO B 352 7.93 2.51 -23.24
N VAL B 353 8.26 3.77 -22.96
CA VAL B 353 7.94 4.89 -23.85
C VAL B 353 8.88 4.85 -25.06
N PRO B 354 8.42 5.37 -26.22
CA PRO B 354 9.22 5.26 -27.44
C PRO B 354 10.40 6.24 -27.52
N ARG B 355 11.31 5.95 -28.44
CA ARG B 355 12.47 6.79 -28.73
C ARG B 355 12.11 8.26 -28.92
N SER B 356 11.08 8.53 -29.72
CA SER B 356 10.67 9.91 -29.99
C SER B 356 10.30 10.70 -28.73
N TRP B 357 9.70 10.02 -27.75
CA TRP B 357 9.40 10.63 -26.46
C TRP B 357 10.68 10.90 -25.66
N ILE B 358 11.52 9.88 -25.55
CA ILE B 358 12.78 9.98 -24.81
C ILE B 358 13.67 11.09 -25.38
N ALA B 359 13.68 11.20 -26.71
CA ALA B 359 14.51 12.19 -27.39
C ALA B 359 14.18 13.64 -27.03
N THR B 360 12.98 13.89 -26.52
CA THR B 360 12.56 15.24 -26.10
C THR B 360 13.15 15.63 -24.75
N THR B 361 13.76 14.67 -24.06
CA THR B 361 14.20 14.86 -22.68
C THR B 361 15.71 15.05 -22.55
N GLY B 362 16.42 15.00 -23.66
CA GLY B 362 17.86 15.17 -23.65
C GLY B 362 18.50 15.14 -25.03
N ASN B 363 19.80 15.37 -25.04
CA ASN B 363 20.61 15.31 -26.25
C ASN B 363 20.85 13.84 -26.58
N LEU B 364 19.81 13.18 -27.08
CA LEU B 364 19.85 11.73 -27.33
C LEU B 364 20.65 11.42 -28.58
N VAL B 365 21.87 10.94 -28.37
CA VAL B 365 22.81 10.64 -29.46
C VAL B 365 23.01 9.13 -29.66
N PHE B 366 22.36 8.34 -28.81
CA PHE B 366 22.58 6.90 -28.75
C PHE B 366 21.30 6.23 -28.28
N PHE B 367 20.82 5.26 -29.04
CA PHE B 367 19.62 4.52 -28.67
C PHE B 367 19.72 3.08 -29.12
N ARG B 368 19.61 2.16 -28.16
CA ARG B 368 19.63 0.73 -28.42
C ARG B 368 18.28 0.10 -28.10
N ASP B 369 17.73 -0.60 -29.08
CA ASP B 369 16.46 -1.28 -28.99
C ASP B 369 16.75 -2.77 -28.72
N HIS B 370 15.95 -3.40 -27.86
CA HIS B 370 16.12 -4.83 -27.58
C HIS B 370 14.82 -5.61 -27.72
N ALA B 371 14.92 -6.85 -28.21
CA ALA B 371 13.74 -7.67 -28.48
C ALA B 371 13.19 -8.33 -27.22
N GLU B 372 14.01 -8.40 -26.18
CA GLU B 372 13.65 -9.12 -24.96
C GLU B 372 14.24 -8.44 -23.73
N GLY B 373 13.68 -8.77 -22.57
CA GLY B 373 14.19 -8.26 -21.31
C GLY B 373 13.20 -7.32 -20.65
N GLY B 374 13.17 -7.38 -19.33
CA GLY B 374 12.25 -6.57 -18.55
C GLY B 374 12.97 -5.49 -17.75
N HIS B 375 12.39 -5.15 -16.61
CA HIS B 375 12.84 -4.02 -15.82
C HIS B 375 14.23 -4.16 -15.21
N PHE B 376 14.55 -5.36 -14.74
CA PHE B 376 15.83 -5.57 -14.04
C PHE B 376 16.94 -5.88 -15.04
N ALA B 377 17.24 -4.91 -15.89
CA ALA B 377 18.12 -5.13 -17.04
C ALA B 377 19.49 -5.70 -16.67
N ALA B 378 20.09 -5.19 -15.59
CA ALA B 378 21.40 -5.66 -15.16
C ALA B 378 21.38 -7.13 -14.74
N LEU B 379 20.25 -7.58 -14.20
CA LEU B 379 20.07 -8.98 -13.82
C LEU B 379 19.61 -9.85 -14.98
N GLU B 380 18.72 -9.32 -15.81
CA GLU B 380 18.06 -10.12 -16.84
C GLU B 380 18.88 -10.21 -18.11
N ARG B 381 19.45 -9.07 -18.51
CA ARG B 381 20.18 -8.95 -19.77
C ARG B 381 21.53 -8.26 -19.56
N PRO B 382 22.39 -8.82 -18.68
CA PRO B 382 23.65 -8.13 -18.36
C PRO B 382 24.58 -7.92 -19.55
N ARG B 383 24.64 -8.88 -20.47
CA ARG B 383 25.52 -8.73 -21.62
C ARG B 383 25.08 -7.57 -22.53
N GLU B 384 23.78 -7.44 -22.72
N GLU B 384 23.78 -7.43 -22.71
CA GLU B 384 23.22 -6.36 -23.54
CA GLU B 384 23.20 -6.38 -23.54
C GLU B 384 23.44 -5.00 -22.91
C GLU B 384 23.38 -4.99 -22.92
N LEU B 385 23.16 -4.88 -21.61
CA LEU B 385 23.36 -3.61 -20.90
C LEU B 385 24.84 -3.22 -20.88
N LYS B 386 25.71 -4.21 -20.60
CA LYS B 386 27.15 -3.98 -20.58
C LYS B 386 27.67 -3.50 -21.93
N THR B 387 27.30 -4.20 -23.00
CA THR B 387 27.78 -3.81 -24.33
C THR B 387 27.17 -2.51 -24.84
N ASP B 388 25.90 -2.27 -24.54
CA ASP B 388 25.27 -0.98 -24.83
C ASP B 388 26.04 0.16 -24.17
N LEU B 389 26.31 0.00 -22.87
CA LEU B 389 27.02 1.03 -22.11
C LEU B 389 28.41 1.27 -22.69
N THR B 390 29.11 0.18 -22.99
CA THR B 390 30.45 0.25 -23.58
C THR B 390 30.42 1.01 -24.90
N ALA B 391 29.47 0.67 -25.77
CA ALA B 391 29.29 1.35 -27.05
C ALA B 391 29.02 2.84 -26.88
N PHE B 392 28.16 3.17 -25.90
CA PHE B 392 27.83 4.56 -25.60
C PHE B 392 29.08 5.35 -25.19
N VAL B 393 29.85 4.78 -24.27
CA VAL B 393 31.08 5.43 -23.79
C VAL B 393 32.05 5.66 -24.94
N GLU B 394 32.25 4.64 -25.76
CA GLU B 394 33.13 4.74 -26.92
C GLU B 394 32.70 5.86 -27.86
N GLN B 395 31.40 6.01 -28.08
CA GLN B 395 30.87 7.03 -28.97
C GLN B 395 31.07 8.46 -28.45
N VAL B 396 30.90 8.65 -27.14
CA VAL B 396 30.78 10.01 -26.59
C VAL B 396 31.99 10.55 -25.83
N TRP B 397 32.83 9.67 -25.30
CA TRP B 397 33.93 10.10 -24.42
C TRP B 397 35.09 10.69 -25.22
#